data_331D
# 
_entry.id   331D 
# 
_audit_conform.dict_name       mmcif_pdbx.dic 
_audit_conform.dict_version    5.389 
_audit_conform.dict_location   http://mmcif.pdb.org/dictionaries/ascii/mmcif_pdbx.dic 
# 
loop_
_database_2.database_id 
_database_2.database_code 
_database_2.pdbx_database_accession 
_database_2.pdbx_DOI 
PDB   331D         pdb_0000331d 10.2210/pdb331d/pdb 
RCSB  ZDG057       ?            ?                   
WWPDB D_1000178800 ?            ?                   
# 
loop_
_pdbx_audit_revision_history.ordinal 
_pdbx_audit_revision_history.data_content_type 
_pdbx_audit_revision_history.major_revision 
_pdbx_audit_revision_history.minor_revision 
_pdbx_audit_revision_history.revision_date 
1 'Structure model' 1 0 1997-09-24 
2 'Structure model' 1 1 2008-05-22 
3 'Structure model' 1 2 2011-07-13 
4 'Structure model' 1 3 2024-02-21 
5 'Structure model' 1 4 2024-04-03 
# 
_pdbx_audit_revision_details.ordinal             1 
_pdbx_audit_revision_details.revision_ordinal    1 
_pdbx_audit_revision_details.data_content_type   'Structure model' 
_pdbx_audit_revision_details.provider            repository 
_pdbx_audit_revision_details.type                'Initial release' 
_pdbx_audit_revision_details.description         ? 
_pdbx_audit_revision_details.details             ? 
# 
loop_
_pdbx_audit_revision_group.ordinal 
_pdbx_audit_revision_group.revision_ordinal 
_pdbx_audit_revision_group.data_content_type 
_pdbx_audit_revision_group.group 
1 2 'Structure model' 'Version format compliance' 
2 3 'Structure model' 'Version format compliance' 
3 4 'Structure model' 'Data collection'           
4 4 'Structure model' 'Database references'       
5 4 'Structure model' 'Derived calculations'      
6 5 'Structure model' 'Refinement description'    
# 
loop_
_pdbx_audit_revision_category.ordinal 
_pdbx_audit_revision_category.revision_ordinal 
_pdbx_audit_revision_category.data_content_type 
_pdbx_audit_revision_category.category 
1 4 'Structure model' chem_comp_atom                
2 4 'Structure model' chem_comp_bond                
3 4 'Structure model' database_2                    
4 4 'Structure model' struct_site                   
5 5 'Structure model' pdbx_initial_refinement_model 
# 
loop_
_pdbx_audit_revision_item.ordinal 
_pdbx_audit_revision_item.revision_ordinal 
_pdbx_audit_revision_item.data_content_type 
_pdbx_audit_revision_item.item 
1 4 'Structure model' '_database_2.pdbx_DOI'                
2 4 'Structure model' '_database_2.pdbx_database_accession' 
3 4 'Structure model' '_struct_site.pdbx_auth_asym_id'      
4 4 'Structure model' '_struct_site.pdbx_auth_comp_id'      
5 4 'Structure model' '_struct_site.pdbx_auth_seq_id'       
# 
_pdbx_database_status.status_code                     REL 
_pdbx_database_status.entry_id                        331D 
_pdbx_database_status.recvd_initial_deposition_date   1997-05-13 
_pdbx_database_status.deposit_site                    NDB 
_pdbx_database_status.process_site                    NDB 
_pdbx_database_status.SG_entry                        . 
_pdbx_database_status.pdb_format_compatible           Y 
_pdbx_database_status.status_code_mr                  ? 
_pdbx_database_status.status_code_sf                  ? 
_pdbx_database_status.status_code_cs                  ? 
_pdbx_database_status.status_code_nmr_data            ? 
_pdbx_database_status.methods_development_category    ? 
# 
loop_
_audit_author.name 
_audit_author.pdbx_ordinal 
'Pan, B.'           1 
'Ban, C.'           2 
'Wahl, M.'          3 
'Sundaralingam, M.' 4 
# 
_citation.id                        primary 
_citation.title                     
;Crystal structure of d(GCGCGCG) with 5'-overhang G residues.
;
_citation.journal_abbrev            Biophys.J. 
_citation.journal_volume            73 
_citation.page_first                1553 
_citation.page_last                 1561 
_citation.year                      1997 
_citation.journal_id_ASTM           BIOJAU 
_citation.country                   US 
_citation.journal_id_ISSN           0006-3495 
_citation.journal_id_CSD            0030 
_citation.book_publisher            ? 
_citation.pdbx_database_id_PubMed   9284322 
_citation.pdbx_database_id_DOI      ? 
# 
loop_
_citation_author.citation_id 
_citation_author.name 
_citation_author.ordinal 
_citation_author.identifier_ORCID 
primary 'Pan, B.'           1 ? 
primary 'Ban, C.'           2 ? 
primary 'Wahl, M.C.'        3 ? 
primary 'Sundaralingam, M.' 4 ? 
# 
loop_
_entity.id 
_entity.type 
_entity.src_method 
_entity.pdbx_description 
_entity.formula_weight 
_entity.pdbx_number_of_molecules 
_entity.pdbx_ec 
_entity.pdbx_mutation 
_entity.pdbx_fragment 
_entity.details 
1 polymer     syn 
;DNA (5'-D(*GP*CP*GP*CP*GP*CP*G)-3')
;
2139.411 2  ? ? ? ? 
2 non-polymer syn 'COBALT HEXAMMINE(III)'               161.116  2  ? ? ? ? 
3 water       nat water                                 18.015   57 ? ? ? ? 
# 
_entity_poly.entity_id                      1 
_entity_poly.type                           polydeoxyribonucleotide 
_entity_poly.nstd_linkage                   no 
_entity_poly.nstd_monomer                   no 
_entity_poly.pdbx_seq_one_letter_code       '(DG)(DC)(DG)(DC)(DG)(DC)(DG)' 
_entity_poly.pdbx_seq_one_letter_code_can   GCGCGCG 
_entity_poly.pdbx_strand_id                 A,B 
_entity_poly.pdbx_target_identifier         ? 
# 
loop_
_pdbx_entity_nonpoly.entity_id 
_pdbx_entity_nonpoly.name 
_pdbx_entity_nonpoly.comp_id 
2 'COBALT HEXAMMINE(III)' NCO 
3 water                   HOH 
# 
loop_
_entity_poly_seq.entity_id 
_entity_poly_seq.num 
_entity_poly_seq.mon_id 
_entity_poly_seq.hetero 
1 1 DG n 
1 2 DC n 
1 3 DG n 
1 4 DC n 
1 5 DG n 
1 6 DC n 
1 7 DG n 
# 
loop_
_chem_comp.id 
_chem_comp.type 
_chem_comp.mon_nstd_flag 
_chem_comp.name 
_chem_comp.pdbx_synonyms 
_chem_comp.formula 
_chem_comp.formula_weight 
DC  'DNA linking' y "2'-DEOXYCYTIDINE-5'-MONOPHOSPHATE"  ? 'C9 H14 N3 O7 P'  307.197 
DG  'DNA linking' y "2'-DEOXYGUANOSINE-5'-MONOPHOSPHATE" ? 'C10 H14 N5 O7 P' 347.221 
HOH non-polymer   . WATER                                ? 'H2 O'            18.015  
NCO non-polymer   . 'COBALT HEXAMMINE(III)'              ? 'Co H18 N6 3'     161.116 
# 
loop_
_pdbx_poly_seq_scheme.asym_id 
_pdbx_poly_seq_scheme.entity_id 
_pdbx_poly_seq_scheme.seq_id 
_pdbx_poly_seq_scheme.mon_id 
_pdbx_poly_seq_scheme.ndb_seq_num 
_pdbx_poly_seq_scheme.pdb_seq_num 
_pdbx_poly_seq_scheme.auth_seq_num 
_pdbx_poly_seq_scheme.pdb_mon_id 
_pdbx_poly_seq_scheme.auth_mon_id 
_pdbx_poly_seq_scheme.pdb_strand_id 
_pdbx_poly_seq_scheme.pdb_ins_code 
_pdbx_poly_seq_scheme.hetero 
A 1 1 DG 1 1  1  DG G A . n 
A 1 2 DC 2 2  2  DC C A . n 
A 1 3 DG 3 3  3  DG G A . n 
A 1 4 DC 4 4  4  DC C A . n 
A 1 5 DG 5 5  5  DG G A . n 
A 1 6 DC 6 6  6  DC C A . n 
A 1 7 DG 7 7  7  DG G A . n 
B 1 1 DG 1 8  8  DG G B . n 
B 1 2 DC 2 9  9  DC C B . n 
B 1 3 DG 3 10 10 DG G B . n 
B 1 4 DC 4 11 11 DC C B . n 
B 1 5 DG 5 12 12 DG G B . n 
B 1 6 DC 6 13 13 DC C B . n 
B 1 7 DG 7 14 14 DG G B . n 
# 
loop_
_pdbx_nonpoly_scheme.asym_id 
_pdbx_nonpoly_scheme.entity_id 
_pdbx_nonpoly_scheme.mon_id 
_pdbx_nonpoly_scheme.ndb_seq_num 
_pdbx_nonpoly_scheme.pdb_seq_num 
_pdbx_nonpoly_scheme.auth_seq_num 
_pdbx_nonpoly_scheme.pdb_mon_id 
_pdbx_nonpoly_scheme.auth_mon_id 
_pdbx_nonpoly_scheme.pdb_strand_id 
_pdbx_nonpoly_scheme.pdb_ins_code 
C 2 NCO 1  15 15 NCO NCO A . 
D 2 NCO 1  16 16 NCO NCO A . 
E 3 HOH 1  19 19 HOH HOH A . 
E 3 HOH 2  20 20 HOH HOH A . 
E 3 HOH 3  21 21 HOH HOH A . 
E 3 HOH 4  22 22 HOH HOH A . 
E 3 HOH 5  23 23 HOH HOH A . 
E 3 HOH 6  24 24 HOH HOH A . 
E 3 HOH 7  25 25 HOH HOH A . 
E 3 HOH 8  29 29 HOH HOH A . 
E 3 HOH 9  30 30 HOH HOH A . 
E 3 HOH 10 33 33 HOH HOH A . 
E 3 HOH 11 34 34 HOH HOH A . 
E 3 HOH 12 35 35 HOH HOH A . 
E 3 HOH 13 40 40 HOH HOH A . 
E 3 HOH 14 41 41 HOH HOH A . 
E 3 HOH 15 42 42 HOH HOH A . 
E 3 HOH 16 44 44 HOH HOH A . 
E 3 HOH 17 49 49 HOH HOH A . 
E 3 HOH 18 50 50 HOH HOH A . 
E 3 HOH 19 51 51 HOH HOH A . 
E 3 HOH 20 52 52 HOH HOH A . 
E 3 HOH 21 54 54 HOH HOH A . 
E 3 HOH 22 55 55 HOH HOH A . 
E 3 HOH 23 56 56 HOH HOH A . 
E 3 HOH 24 60 60 HOH HOH A . 
E 3 HOH 25 62 62 HOH HOH A . 
E 3 HOH 26 63 63 HOH HOH A . 
E 3 HOH 27 65 65 HOH HOH A . 
E 3 HOH 28 66 66 HOH HOH A . 
E 3 HOH 29 70 70 HOH HOH A . 
F 3 HOH 1  17 17 HOH HOH B . 
F 3 HOH 2  18 18 HOH HOH B . 
F 3 HOH 3  26 26 HOH HOH B . 
F 3 HOH 4  27 27 HOH HOH B . 
F 3 HOH 5  28 28 HOH HOH B . 
F 3 HOH 6  31 31 HOH HOH B . 
F 3 HOH 7  32 32 HOH HOH B . 
F 3 HOH 8  36 36 HOH HOH B . 
F 3 HOH 9  37 37 HOH HOH B . 
F 3 HOH 10 38 38 HOH HOH B . 
F 3 HOH 11 39 39 HOH HOH B . 
F 3 HOH 12 43 43 HOH HOH B . 
F 3 HOH 13 45 45 HOH HOH B . 
F 3 HOH 14 46 46 HOH HOH B . 
F 3 HOH 15 47 47 HOH HOH B . 
F 3 HOH 16 48 48 HOH HOH B . 
F 3 HOH 17 53 53 HOH HOH B . 
F 3 HOH 18 57 57 HOH HOH B . 
F 3 HOH 19 58 58 HOH HOH B . 
F 3 HOH 20 59 59 HOH HOH B . 
F 3 HOH 21 61 61 HOH HOH B . 
F 3 HOH 22 64 64 HOH HOH B . 
F 3 HOH 23 67 67 HOH HOH B . 
F 3 HOH 24 68 68 HOH HOH B . 
F 3 HOH 25 69 69 HOH HOH B . 
F 3 HOH 26 71 71 HOH HOH B . 
F 3 HOH 27 72 72 HOH HOH B . 
F 3 HOH 28 73 73 HOH HOH B . 
# 
loop_
_software.name 
_software.classification 
_software.version 
_software.citation_id 
_software.pdbx_ordinal 
X-PLOR refinement       . ? 1 
RIGAKU 'data reduction' . ? 2 
# 
_cell.entry_id           331D 
_cell.length_a           20.410 
_cell.length_b           29.650 
_cell.length_c           51.860 
_cell.angle_alpha        90.00 
_cell.angle_beta         90.00 
_cell.angle_gamma        90.00 
_cell.Z_PDB              8 
_cell.pdbx_unique_axis   ? 
# 
_symmetry.entry_id                         331D 
_symmetry.space_group_name_H-M             'P 21 21 21' 
_symmetry.pdbx_full_space_group_name_H-M   ? 
_symmetry.cell_setting                     ? 
_symmetry.Int_Tables_number                19 
# 
_exptl.entry_id          331D 
_exptl.method            'X-RAY DIFFRACTION' 
_exptl.crystals_number   ? 
# 
_exptl_crystal.id                    1 
_exptl_crystal.density_meas          ? 
_exptl_crystal.density_Matthews      1.83 
_exptl_crystal.density_percent_sol   32.92 
_exptl_crystal.description           ? 
# 
_exptl_crystal_grow.crystal_id      1 
_exptl_crystal_grow.method          'VAPOR DIFFUSION, HANGING DROP' 
_exptl_crystal_grow.temp            ? 
_exptl_crystal_grow.temp_details    ? 
_exptl_crystal_grow.pH              7.00 
_exptl_crystal_grow.pdbx_details    'pH 7.00, VAPOR DIFFUSION, HANGING DROP' 
_exptl_crystal_grow.pdbx_pH_range   ? 
# 
loop_
_exptl_crystal_grow_comp.crystal_id 
_exptl_crystal_grow_comp.id 
_exptl_crystal_grow_comp.sol_id 
_exptl_crystal_grow_comp.name 
_exptl_crystal_grow_comp.volume 
_exptl_crystal_grow_comp.conc 
_exptl_crystal_grow_comp.details 
1 1 1 WATER           ? ? ? 
1 2 1 'NA CACODYLATE' ? ? ? 
1 3 1 SPERMINE_HCL    ? ? ? 
1 4 1 '[CO(NH3)6]3+'  ? ? ? 
1 5 2 WATER           ? ? ? 
1 6 2 ISOPROPANOL     ? ? ? 
# 
_diffrn.id                     1 
_diffrn.ambient_temp           ? 
_diffrn.ambient_temp_details   'ROOM TEMPERATURE' 
_diffrn.crystal_id             1 
# 
_diffrn_detector.diffrn_id              1 
_diffrn_detector.detector               'IMAGE PLATE' 
_diffrn_detector.type                   'RIGAKU RAXIS IIC' 
_diffrn_detector.pdbx_collection_date   1996-02-11 
_diffrn_detector.details                ? 
# 
_diffrn_radiation.diffrn_id                        1 
_diffrn_radiation.wavelength_id                    1 
_diffrn_radiation.pdbx_monochromatic_or_laue_m_l   M 
_diffrn_radiation.monochromator                    ? 
_diffrn_radiation.pdbx_diffrn_protocol             ? 
_diffrn_radiation.pdbx_scattering_type             x-ray 
# 
_diffrn_radiation_wavelength.id           1 
_diffrn_radiation_wavelength.wavelength   . 
_diffrn_radiation_wavelength.wt           1.0 
# 
_diffrn_source.diffrn_id                   1 
_diffrn_source.source                      'ROTATING ANODE' 
_diffrn_source.type                        ? 
_diffrn_source.pdbx_synchrotron_site       ? 
_diffrn_source.pdbx_synchrotron_beamline   ? 
_diffrn_source.pdbx_wavelength             ? 
_diffrn_source.pdbx_wavelength_list        ? 
# 
_reflns.entry_id                     331D 
_reflns.observed_criterion_sigma_I   ? 
_reflns.observed_criterion_sigma_F   0.000 
_reflns.d_resolution_low             10.000 
_reflns.d_resolution_high            1.650 
_reflns.number_obs                   3813 
_reflns.number_all                   ? 
_reflns.percent_possible_obs         92.300 
_reflns.pdbx_Rmerge_I_obs            0.0660000 
_reflns.pdbx_Rsym_value              ? 
_reflns.pdbx_netI_over_sigmaI        5.0000 
_reflns.B_iso_Wilson_estimate        ? 
_reflns.pdbx_redundancy              2.400 
_reflns.pdbx_diffrn_id               1 
_reflns.pdbx_ordinal                 1 
# 
_reflns_shell.d_res_high             1.650 
_reflns_shell.d_res_low              1.800 
_reflns_shell.percent_possible_all   86.50 
_reflns_shell.Rmerge_I_obs           0.1300000 
_reflns_shell.pdbx_Rsym_value        ? 
_reflns_shell.meanI_over_sigI_obs    5.000 
_reflns_shell.pdbx_redundancy        ? 
_reflns_shell.pdbx_diffrn_id         ? 
_reflns_shell.pdbx_ordinal           1 
# 
_refine.entry_id                                 331D 
_refine.ls_number_reflns_obs                     3598 
_refine.ls_number_reflns_all                     ? 
_refine.pdbx_ls_sigma_I                          ? 
_refine.pdbx_ls_sigma_F                          2.000 
_refine.pdbx_data_cutoff_high_absF               ? 
_refine.pdbx_data_cutoff_low_absF                ? 
_refine.pdbx_data_cutoff_high_rms_absF           ? 
_refine.ls_d_res_low                             8.000 
_refine.ls_d_res_high                            1.650 
_refine.ls_percent_reflns_obs                    87.100 
_refine.ls_R_factor_obs                          0.1840000 
_refine.ls_R_factor_all                          ? 
_refine.ls_R_factor_R_work                       0.1840000 
_refine.ls_R_factor_R_free                       ? 
_refine.ls_R_factor_R_free_error                 ? 
_refine.ls_R_factor_R_free_error_details         ? 
_refine.ls_percent_reflns_R_free                 ? 
_refine.ls_number_reflns_R_free                  ? 
_refine.ls_number_parameters                     ? 
_refine.ls_number_restraints                     ? 
_refine.occupancy_min                            ? 
_refine.occupancy_max                            ? 
_refine.B_iso_mean                               22.20 
_refine.aniso_B[1][1]                            ? 
_refine.aniso_B[2][2]                            ? 
_refine.aniso_B[3][3]                            ? 
_refine.aniso_B[1][2]                            ? 
_refine.aniso_B[1][3]                            ? 
_refine.aniso_B[2][3]                            ? 
_refine.solvent_model_details                    ? 
_refine.solvent_model_param_ksol                 ? 
_refine.solvent_model_param_bsol                 ? 
_refine.pdbx_ls_cross_valid_method               ? 
_refine.details                                  ? 
_refine.pdbx_starting_model                      'Z-DNA HEXAMER D(CGCGCG)' 
_refine.pdbx_method_to_determine_struct          'MOLECULAR REPLACEMENT' 
_refine.pdbx_isotropic_thermal_model             ? 
_refine.pdbx_stereochemistry_target_values       ? 
_refine.pdbx_stereochem_target_val_spec_case     ? 
_refine.pdbx_R_Free_selection_details            ? 
_refine.pdbx_overall_ESU_R                       ? 
_refine.pdbx_overall_ESU_R_Free                  ? 
_refine.overall_SU_ML                            ? 
_refine.overall_SU_B                             ? 
_refine.pdbx_refine_id                           'X-RAY DIFFRACTION' 
_refine.pdbx_diffrn_id                           1 
_refine.pdbx_TLS_residual_ADP_flag               ? 
_refine.correlation_coeff_Fo_to_Fc               ? 
_refine.correlation_coeff_Fo_to_Fc_free          ? 
_refine.pdbx_solvent_vdw_probe_radii             ? 
_refine.pdbx_solvent_ion_probe_radii             ? 
_refine.pdbx_solvent_shrinkage_radii             ? 
_refine.pdbx_overall_phase_error                 ? 
_refine.overall_SU_R_Cruickshank_DPI             ? 
_refine.pdbx_overall_SU_R_free_Cruickshank_DPI   ? 
_refine.pdbx_overall_SU_R_Blow_DPI               ? 
_refine.pdbx_overall_SU_R_free_Blow_DPI          ? 
# 
_refine_analyze.entry_id                        331D 
_refine_analyze.Luzzati_coordinate_error_obs    0.20 
_refine_analyze.Luzzati_sigma_a_obs             ? 
_refine_analyze.Luzzati_d_res_low_obs           ? 
_refine_analyze.Luzzati_coordinate_error_free   ? 
_refine_analyze.Luzzati_sigma_a_free            ? 
_refine_analyze.Luzzati_d_res_low_free          ? 
_refine_analyze.number_disordered_residues      ? 
_refine_analyze.occupancy_sum_hydrogen          ? 
_refine_analyze.occupancy_sum_non_hydrogen      ? 
_refine_analyze.pdbx_refine_id                  'X-RAY DIFFRACTION' 
# 
_refine_hist.pdbx_refine_id                   'X-RAY DIFFRACTION' 
_refine_hist.cycle_id                         LAST 
_refine_hist.pdbx_number_atoms_protein        0 
_refine_hist.pdbx_number_atoms_nucleic_acid   284 
_refine_hist.pdbx_number_atoms_ligand         14 
_refine_hist.number_atoms_solvent             57 
_refine_hist.number_atoms_total               355 
_refine_hist.d_res_high                       1.650 
_refine_hist.d_res_low                        8.000 
# 
loop_
_refine_ls_restr.type 
_refine_ls_restr.dev_ideal 
_refine_ls_restr.dev_ideal_target 
_refine_ls_restr.weight 
_refine_ls_restr.number 
_refine_ls_restr.pdbx_refine_id 
_refine_ls_restr.pdbx_restraint_function 
x_bond_d                0.020 ? ? ? 'X-RAY DIFFRACTION' ? 
x_bond_d_na             ?     ? ? ? 'X-RAY DIFFRACTION' ? 
x_bond_d_prot           ?     ? ? ? 'X-RAY DIFFRACTION' ? 
x_angle_d               ?     ? ? ? 'X-RAY DIFFRACTION' ? 
x_angle_d_na            ?     ? ? ? 'X-RAY DIFFRACTION' ? 
x_angle_d_prot          ?     ? ? ? 'X-RAY DIFFRACTION' ? 
x_angle_deg             3.20  ? ? ? 'X-RAY DIFFRACTION' ? 
x_angle_deg_na          ?     ? ? ? 'X-RAY DIFFRACTION' ? 
x_angle_deg_prot        ?     ? ? ? 'X-RAY DIFFRACTION' ? 
x_dihedral_angle_d      31.8  ? ? ? 'X-RAY DIFFRACTION' ? 
x_dihedral_angle_d_na   ?     ? ? ? 'X-RAY DIFFRACTION' ? 
x_dihedral_angle_d_prot ?     ? ? ? 'X-RAY DIFFRACTION' ? 
x_improper_angle_d      1.60  ? ? ? 'X-RAY DIFFRACTION' ? 
x_improper_angle_d_na   ?     ? ? ? 'X-RAY DIFFRACTION' ? 
x_improper_angle_d_prot ?     ? ? ? 'X-RAY DIFFRACTION' ? 
x_mcbond_it             ?     ? ? ? 'X-RAY DIFFRACTION' ? 
x_mcangle_it            ?     ? ? ? 'X-RAY DIFFRACTION' ? 
x_scbond_it             ?     ? ? ? 'X-RAY DIFFRACTION' ? 
x_scangle_it            ?     ? ? ? 'X-RAY DIFFRACTION' ? 
# 
_refine_ls_shell.pdbx_total_number_of_bins_used   8 
_refine_ls_shell.d_res_high                       1.65 
_refine_ls_shell.d_res_low                        1.80 
_refine_ls_shell.number_reflns_R_work             ? 
_refine_ls_shell.R_factor_R_work                  ? 
_refine_ls_shell.percent_reflns_obs               ? 
_refine_ls_shell.R_factor_R_free                  ? 
_refine_ls_shell.R_factor_R_free_error            ? 
_refine_ls_shell.percent_reflns_R_free            ? 
_refine_ls_shell.number_reflns_R_free             ? 
_refine_ls_shell.pdbx_refine_id                   'X-RAY DIFFRACTION' 
_refine_ls_shell.number_reflns_all                ? 
_refine_ls_shell.R_factor_all                     ? 
# 
_pdbx_xplor_file.serial_no        1 
_pdbx_xplor_file.param_file       PARAM_ND.DNA 
_pdbx_xplor_file.topol_file       TOPPAR_ND.DNA 
_pdbx_xplor_file.pdbx_refine_id   'X-RAY DIFFRACTION' 
# 
_struct.entry_id                  331D 
_struct.title                     
;CRYSTAL STRUCTURE OF D(GCGCGCG) WITH 5'-OVERHANG G'S
;
_struct.pdbx_model_details        ? 
_struct.pdbx_CASP_flag            ? 
_struct.pdbx_model_type_details   ? 
# 
_struct_keywords.entry_id        331D 
_struct_keywords.pdbx_keywords   DNA 
_struct_keywords.text            'Z-DNA, DOUBLE HELIX, OVERHANGING BASE, FLIPPED-OUT BASE, DNA' 
# 
loop_
_struct_asym.id 
_struct_asym.pdbx_blank_PDB_chainid_flag 
_struct_asym.pdbx_modified 
_struct_asym.entity_id 
_struct_asym.details 
A N N 1 ? 
B N N 1 ? 
C N N 2 ? 
D N N 2 ? 
E N N 3 ? 
F N N 3 ? 
# 
_struct_ref.id                         1 
_struct_ref.entity_id                  1 
_struct_ref.db_name                    PDB 
_struct_ref.db_code                    331D 
_struct_ref.pdbx_db_accession          331D 
_struct_ref.pdbx_db_isoform            ? 
_struct_ref.pdbx_seq_one_letter_code   ? 
_struct_ref.pdbx_align_begin           ? 
# 
loop_
_struct_ref_seq.align_id 
_struct_ref_seq.ref_id 
_struct_ref_seq.pdbx_PDB_id_code 
_struct_ref_seq.pdbx_strand_id 
_struct_ref_seq.seq_align_beg 
_struct_ref_seq.pdbx_seq_align_beg_ins_code 
_struct_ref_seq.seq_align_end 
_struct_ref_seq.pdbx_seq_align_end_ins_code 
_struct_ref_seq.pdbx_db_accession 
_struct_ref_seq.db_align_beg 
_struct_ref_seq.pdbx_db_align_beg_ins_code 
_struct_ref_seq.db_align_end 
_struct_ref_seq.pdbx_db_align_end_ins_code 
_struct_ref_seq.pdbx_auth_seq_align_beg 
_struct_ref_seq.pdbx_auth_seq_align_end 
1 1 331D A 1 ? 7 ? 331D 1 ? 7  ? 1 7  
2 1 331D B 1 ? 7 ? 331D 8 ? 14 ? 8 14 
# 
_pdbx_struct_assembly.id                   1 
_pdbx_struct_assembly.details              author_defined_assembly 
_pdbx_struct_assembly.method_details       ? 
_pdbx_struct_assembly.oligomeric_details   dimeric 
_pdbx_struct_assembly.oligomeric_count     2 
# 
_pdbx_struct_assembly_gen.assembly_id       1 
_pdbx_struct_assembly_gen.oper_expression   1 
_pdbx_struct_assembly_gen.asym_id_list      A,B,C,D,E,F 
# 
_pdbx_struct_oper_list.id                   1 
_pdbx_struct_oper_list.type                 'identity operation' 
_pdbx_struct_oper_list.name                 1_555 
_pdbx_struct_oper_list.symmetry_operation   x,y,z 
_pdbx_struct_oper_list.matrix[1][1]         1.0000000000 
_pdbx_struct_oper_list.matrix[1][2]         0.0000000000 
_pdbx_struct_oper_list.matrix[1][3]         0.0000000000 
_pdbx_struct_oper_list.vector[1]            0.0000000000 
_pdbx_struct_oper_list.matrix[2][1]         0.0000000000 
_pdbx_struct_oper_list.matrix[2][2]         1.0000000000 
_pdbx_struct_oper_list.matrix[2][3]         0.0000000000 
_pdbx_struct_oper_list.vector[2]            0.0000000000 
_pdbx_struct_oper_list.matrix[3][1]         0.0000000000 
_pdbx_struct_oper_list.matrix[3][2]         0.0000000000 
_pdbx_struct_oper_list.matrix[3][3]         1.0000000000 
_pdbx_struct_oper_list.vector[3]            0.0000000000 
# 
_struct_biol.id   1 
# 
loop_
_struct_conn.id 
_struct_conn.conn_type_id 
_struct_conn.pdbx_leaving_atom_flag 
_struct_conn.pdbx_PDB_id 
_struct_conn.ptnr1_label_asym_id 
_struct_conn.ptnr1_label_comp_id 
_struct_conn.ptnr1_label_seq_id 
_struct_conn.ptnr1_label_atom_id 
_struct_conn.pdbx_ptnr1_label_alt_id 
_struct_conn.pdbx_ptnr1_PDB_ins_code 
_struct_conn.pdbx_ptnr1_standard_comp_id 
_struct_conn.ptnr1_symmetry 
_struct_conn.ptnr2_label_asym_id 
_struct_conn.ptnr2_label_comp_id 
_struct_conn.ptnr2_label_seq_id 
_struct_conn.ptnr2_label_atom_id 
_struct_conn.pdbx_ptnr2_label_alt_id 
_struct_conn.pdbx_ptnr2_PDB_ins_code 
_struct_conn.ptnr1_auth_asym_id 
_struct_conn.ptnr1_auth_comp_id 
_struct_conn.ptnr1_auth_seq_id 
_struct_conn.ptnr2_auth_asym_id 
_struct_conn.ptnr2_auth_comp_id 
_struct_conn.ptnr2_auth_seq_id 
_struct_conn.ptnr2_symmetry 
_struct_conn.pdbx_ptnr3_label_atom_id 
_struct_conn.pdbx_ptnr3_label_seq_id 
_struct_conn.pdbx_ptnr3_label_comp_id 
_struct_conn.pdbx_ptnr3_label_asym_id 
_struct_conn.pdbx_ptnr3_label_alt_id 
_struct_conn.pdbx_ptnr3_PDB_ins_code 
_struct_conn.details 
_struct_conn.pdbx_dist_value 
_struct_conn.pdbx_value_order 
_struct_conn.pdbx_role 
hydrog1  hydrog ? ? A DC 2 N3 ? ? ? 1_555 B DG 7 N1 ? ? A DC 2 B DG 14 1_555 ? ? ? ? ? ? WATSON-CRICK ? ? ? 
hydrog2  hydrog ? ? A DC 2 N4 ? ? ? 1_555 B DG 7 O6 ? ? A DC 2 B DG 14 1_555 ? ? ? ? ? ? WATSON-CRICK ? ? ? 
hydrog3  hydrog ? ? A DC 2 O2 ? ? ? 1_555 B DG 7 N2 ? ? A DC 2 B DG 14 1_555 ? ? ? ? ? ? WATSON-CRICK ? ? ? 
hydrog4  hydrog ? ? A DG 3 N1 ? ? ? 1_555 B DC 6 N3 ? ? A DG 3 B DC 13 1_555 ? ? ? ? ? ? WATSON-CRICK ? ? ? 
hydrog5  hydrog ? ? A DG 3 N2 ? ? ? 1_555 B DC 6 O2 ? ? A DG 3 B DC 13 1_555 ? ? ? ? ? ? WATSON-CRICK ? ? ? 
hydrog6  hydrog ? ? A DG 3 O6 ? ? ? 1_555 B DC 6 N4 ? ? A DG 3 B DC 13 1_555 ? ? ? ? ? ? WATSON-CRICK ? ? ? 
hydrog7  hydrog ? ? A DC 4 N3 ? ? ? 1_555 B DG 5 N1 ? ? A DC 4 B DG 12 1_555 ? ? ? ? ? ? WATSON-CRICK ? ? ? 
hydrog8  hydrog ? ? A DC 4 N4 ? ? ? 1_555 B DG 5 O6 ? ? A DC 4 B DG 12 1_555 ? ? ? ? ? ? WATSON-CRICK ? ? ? 
hydrog9  hydrog ? ? A DC 4 O2 ? ? ? 1_555 B DG 5 N2 ? ? A DC 4 B DG 12 1_555 ? ? ? ? ? ? WATSON-CRICK ? ? ? 
hydrog10 hydrog ? ? A DG 5 N1 ? ? ? 1_555 B DC 4 N3 ? ? A DG 5 B DC 11 1_555 ? ? ? ? ? ? WATSON-CRICK ? ? ? 
hydrog11 hydrog ? ? A DG 5 N2 ? ? ? 1_555 B DC 4 O2 ? ? A DG 5 B DC 11 1_555 ? ? ? ? ? ? WATSON-CRICK ? ? ? 
hydrog12 hydrog ? ? A DG 5 O6 ? ? ? 1_555 B DC 4 N4 ? ? A DG 5 B DC 11 1_555 ? ? ? ? ? ? WATSON-CRICK ? ? ? 
hydrog13 hydrog ? ? A DC 6 N3 ? ? ? 1_555 B DG 3 N1 ? ? A DC 6 B DG 10 1_555 ? ? ? ? ? ? WATSON-CRICK ? ? ? 
hydrog14 hydrog ? ? A DC 6 N4 ? ? ? 1_555 B DG 3 O6 ? ? A DC 6 B DG 10 1_555 ? ? ? ? ? ? WATSON-CRICK ? ? ? 
hydrog15 hydrog ? ? A DC 6 O2 ? ? ? 1_555 B DG 3 N2 ? ? A DC 6 B DG 10 1_555 ? ? ? ? ? ? WATSON-CRICK ? ? ? 
hydrog16 hydrog ? ? A DG 7 N1 ? ? ? 1_555 B DC 2 N3 ? ? A DG 7 B DC 9  1_555 ? ? ? ? ? ? WATSON-CRICK ? ? ? 
hydrog17 hydrog ? ? A DG 7 N2 ? ? ? 1_555 B DC 2 O2 ? ? A DG 7 B DC 9  1_555 ? ? ? ? ? ? WATSON-CRICK ? ? ? 
hydrog18 hydrog ? ? A DG 7 O6 ? ? ? 1_555 B DC 2 N4 ? ? A DG 7 B DC 9  1_555 ? ? ? ? ? ? WATSON-CRICK ? ? ? 
# 
_struct_conn_type.id          hydrog 
_struct_conn_type.criteria    ? 
_struct_conn_type.reference   ? 
# 
loop_
_struct_site.id 
_struct_site.pdbx_evidence_code 
_struct_site.pdbx_auth_asym_id 
_struct_site.pdbx_auth_comp_id 
_struct_site.pdbx_auth_seq_id 
_struct_site.pdbx_auth_ins_code 
_struct_site.pdbx_num_residues 
_struct_site.details 
AC1 Software A NCO 15 ? 11 'BINDING SITE FOR RESIDUE NCO A 15' 
AC2 Software A NCO 16 ? 11 'BINDING SITE FOR RESIDUE NCO A 16' 
# 
loop_
_struct_site_gen.id 
_struct_site_gen.site_id 
_struct_site_gen.pdbx_num_res 
_struct_site_gen.label_comp_id 
_struct_site_gen.label_asym_id 
_struct_site_gen.label_seq_id 
_struct_site_gen.pdbx_auth_ins_code 
_struct_site_gen.auth_comp_id 
_struct_site_gen.auth_asym_id 
_struct_site_gen.auth_seq_id 
_struct_site_gen.label_atom_id 
_struct_site_gen.label_alt_id 
_struct_site_gen.symmetry 
_struct_site_gen.details 
1  AC1 11 DC  A 4 ? DC  A 4  . ? 1_555 ? 
2  AC1 11 DG  A 5 ? DG  A 5  . ? 1_555 ? 
3  AC1 11 DG  A 5 ? DG  A 5  . ? 3_556 ? 
4  AC1 11 HOH E . ? HOH A 19 . ? 1_555 ? 
5  AC1 11 HOH E . ? HOH A 35 . ? 1_555 ? 
6  AC1 11 HOH E . ? HOH A 41 . ? 3_556 ? 
7  AC1 11 HOH E . ? HOH A 51 . ? 3_556 ? 
8  AC1 11 HOH E . ? HOH A 52 . ? 3_556 ? 
9  AC1 11 HOH E . ? HOH A 60 . ? 1_555 ? 
10 AC1 11 HOH E . ? HOH A 70 . ? 1_555 ? 
11 AC1 11 DG  B 7 ? DG  B 14 . ? 3_556 ? 
12 AC2 11 DC  A 4 ? DC  A 4  . ? 1_555 ? 
13 AC2 11 HOH E . ? HOH A 20 . ? 1_555 ? 
14 AC2 11 HOH E . ? HOH A 30 . ? 1_555 ? 
15 AC2 11 HOH E . ? HOH A 42 . ? 1_555 ? 
16 AC2 11 HOH E . ? HOH A 66 . ? 1_555 ? 
17 AC2 11 DC  B 4 ? DC  B 11 . ? 1_655 ? 
18 AC2 11 DG  B 5 ? DG  B 12 . ? 1_655 ? 
19 AC2 11 DC  B 6 ? DC  B 13 . ? 3_556 ? 
20 AC2 11 DG  B 7 ? DG  B 14 . ? 3_556 ? 
21 AC2 11 HOH F . ? HOH B 37 . ? 3_556 ? 
22 AC2 11 HOH F . ? HOH B 47 . ? 1_655 ? 
# 
loop_
_pdbx_validate_rmsd_bond.id 
_pdbx_validate_rmsd_bond.PDB_model_num 
_pdbx_validate_rmsd_bond.auth_atom_id_1 
_pdbx_validate_rmsd_bond.auth_asym_id_1 
_pdbx_validate_rmsd_bond.auth_comp_id_1 
_pdbx_validate_rmsd_bond.auth_seq_id_1 
_pdbx_validate_rmsd_bond.PDB_ins_code_1 
_pdbx_validate_rmsd_bond.label_alt_id_1 
_pdbx_validate_rmsd_bond.auth_atom_id_2 
_pdbx_validate_rmsd_bond.auth_asym_id_2 
_pdbx_validate_rmsd_bond.auth_comp_id_2 
_pdbx_validate_rmsd_bond.auth_seq_id_2 
_pdbx_validate_rmsd_bond.PDB_ins_code_2 
_pdbx_validate_rmsd_bond.label_alt_id_2 
_pdbx_validate_rmsd_bond.bond_value 
_pdbx_validate_rmsd_bond.bond_target_value 
_pdbx_validate_rmsd_bond.bond_deviation 
_pdbx_validate_rmsd_bond.bond_standard_deviation 
_pdbx_validate_rmsd_bond.linker_flag 
1 1 "C5'" A DG 1 ? ? "C4'" A DG 1 ? ? 1.555 1.512 0.043 0.007 N 
2 1 "C5'" B DG 8 ? ? "C4'" B DG 8 ? ? 1.564 1.512 0.052 0.007 N 
# 
loop_
_pdbx_validate_rmsd_angle.id 
_pdbx_validate_rmsd_angle.PDB_model_num 
_pdbx_validate_rmsd_angle.auth_atom_id_1 
_pdbx_validate_rmsd_angle.auth_asym_id_1 
_pdbx_validate_rmsd_angle.auth_comp_id_1 
_pdbx_validate_rmsd_angle.auth_seq_id_1 
_pdbx_validate_rmsd_angle.PDB_ins_code_1 
_pdbx_validate_rmsd_angle.label_alt_id_1 
_pdbx_validate_rmsd_angle.auth_atom_id_2 
_pdbx_validate_rmsd_angle.auth_asym_id_2 
_pdbx_validate_rmsd_angle.auth_comp_id_2 
_pdbx_validate_rmsd_angle.auth_seq_id_2 
_pdbx_validate_rmsd_angle.PDB_ins_code_2 
_pdbx_validate_rmsd_angle.label_alt_id_2 
_pdbx_validate_rmsd_angle.auth_atom_id_3 
_pdbx_validate_rmsd_angle.auth_asym_id_3 
_pdbx_validate_rmsd_angle.auth_comp_id_3 
_pdbx_validate_rmsd_angle.auth_seq_id_3 
_pdbx_validate_rmsd_angle.PDB_ins_code_3 
_pdbx_validate_rmsd_angle.label_alt_id_3 
_pdbx_validate_rmsd_angle.angle_value 
_pdbx_validate_rmsd_angle.angle_target_value 
_pdbx_validate_rmsd_angle.angle_deviation 
_pdbx_validate_rmsd_angle.angle_standard_deviation 
_pdbx_validate_rmsd_angle.linker_flag 
1  1 "O4'" A DG 1  ? ? "C1'" A DG 1  ? ? N9    A DG 1  ? ? 110.44 108.30 2.14 0.30 N 
2  1 "O4'" A DC 2  ? ? "C1'" A DC 2  ? ? N1    A DC 2  ? ? 112.38 108.30 4.08 0.30 N 
3  1 N1    A DC 2  ? ? C2    A DC 2  ? ? O2    A DC 2  ? ? 123.02 118.90 4.12 0.60 N 
4  1 "O4'" A DC 4  ? ? "C1'" A DC 4  ? ? N1    A DC 4  ? ? 110.55 108.30 2.25 0.30 N 
5  1 N1    A DC 4  ? ? C2    A DC 4  ? ? O2    A DC 4  ? ? 123.16 118.90 4.26 0.60 N 
6  1 "O4'" A DG 5  ? ? "C1'" A DG 5  ? ? N9    A DG 5  ? ? 110.29 108.30 1.99 0.30 N 
7  1 "O4'" A DC 6  ? ? "C1'" A DC 6  ? ? N1    A DC 6  ? ? 110.84 108.30 2.54 0.30 N 
8  1 "O4'" A DG 7  ? ? "C1'" A DG 7  ? ? N9    A DG 7  ? ? 110.35 108.30 2.05 0.30 N 
9  1 "O4'" B DG 8  ? ? "C1'" B DG 8  ? ? N9    B DG 8  ? ? 113.02 108.30 4.72 0.30 N 
10 1 "O4'" B DC 9  ? ? "C1'" B DC 9  ? ? N1    B DC 9  ? ? 112.37 108.30 4.07 0.30 N 
11 1 "O4'" B DG 10 ? ? "C4'" B DG 10 ? ? "C3'" B DG 10 ? ? 109.87 106.00 3.87 0.60 N 
12 1 "O4'" B DG 10 ? ? "C1'" B DG 10 ? ? "C2'" B DG 10 ? ? 110.28 106.80 3.48 0.50 N 
13 1 "O4'" B DC 11 ? ? "C1'" B DC 11 ? ? N1    B DC 11 ? ? 113.56 108.30 5.26 0.30 N 
14 1 N1    B DC 11 ? ? C2    B DC 11 ? ? O2    B DC 11 ? ? 123.82 118.90 4.92 0.60 N 
15 1 "O4'" B DC 13 ? ? "C1'" B DC 13 ? ? N1    B DC 13 ? ? 112.84 108.30 4.54 0.30 N 
# 
_pdbx_validate_planes.id              1 
_pdbx_validate_planes.PDB_model_num   1 
_pdbx_validate_planes.auth_comp_id    DG 
_pdbx_validate_planes.auth_asym_id    A 
_pdbx_validate_planes.auth_seq_id     1 
_pdbx_validate_planes.PDB_ins_code    ? 
_pdbx_validate_planes.label_alt_id    ? 
_pdbx_validate_planes.rmsd            0.095 
_pdbx_validate_planes.type            'SIDE CHAIN' 
# 
loop_
_refine_B_iso.class 
_refine_B_iso.details 
_refine_B_iso.treatment 
_refine_B_iso.pdbx_refine_id 
'ALL ATOMS'  TR isotropic 'X-RAY DIFFRACTION' 
'ALL WATERS' TR isotropic 'X-RAY DIFFRACTION' 
# 
loop_
_refine_occupancy.class 
_refine_occupancy.treatment 
_refine_occupancy.pdbx_refine_id 
'ALL ATOMS'  fix 'X-RAY DIFFRACTION' 
'ALL WATERS' fix 'X-RAY DIFFRACTION' 
# 
loop_
_chem_comp_atom.comp_id 
_chem_comp_atom.atom_id 
_chem_comp_atom.type_symbol 
_chem_comp_atom.pdbx_aromatic_flag 
_chem_comp_atom.pdbx_stereo_config 
_chem_comp_atom.pdbx_ordinal 
DC  OP3    O  N N 1  
DC  P      P  N N 2  
DC  OP1    O  N N 3  
DC  OP2    O  N N 4  
DC  "O5'"  O  N N 5  
DC  "C5'"  C  N N 6  
DC  "C4'"  C  N R 7  
DC  "O4'"  O  N N 8  
DC  "C3'"  C  N S 9  
DC  "O3'"  O  N N 10 
DC  "C2'"  C  N N 11 
DC  "C1'"  C  N R 12 
DC  N1     N  N N 13 
DC  C2     C  N N 14 
DC  O2     O  N N 15 
DC  N3     N  N N 16 
DC  C4     C  N N 17 
DC  N4     N  N N 18 
DC  C5     C  N N 19 
DC  C6     C  N N 20 
DC  HOP3   H  N N 21 
DC  HOP2   H  N N 22 
DC  "H5'"  H  N N 23 
DC  "H5''" H  N N 24 
DC  "H4'"  H  N N 25 
DC  "H3'"  H  N N 26 
DC  "HO3'" H  N N 27 
DC  "H2'"  H  N N 28 
DC  "H2''" H  N N 29 
DC  "H1'"  H  N N 30 
DC  H41    H  N N 31 
DC  H42    H  N N 32 
DC  H5     H  N N 33 
DC  H6     H  N N 34 
DG  OP3    O  N N 35 
DG  P      P  N N 36 
DG  OP1    O  N N 37 
DG  OP2    O  N N 38 
DG  "O5'"  O  N N 39 
DG  "C5'"  C  N N 40 
DG  "C4'"  C  N R 41 
DG  "O4'"  O  N N 42 
DG  "C3'"  C  N S 43 
DG  "O3'"  O  N N 44 
DG  "C2'"  C  N N 45 
DG  "C1'"  C  N R 46 
DG  N9     N  Y N 47 
DG  C8     C  Y N 48 
DG  N7     N  Y N 49 
DG  C5     C  Y N 50 
DG  C6     C  N N 51 
DG  O6     O  N N 52 
DG  N1     N  N N 53 
DG  C2     C  N N 54 
DG  N2     N  N N 55 
DG  N3     N  N N 56 
DG  C4     C  Y N 57 
DG  HOP3   H  N N 58 
DG  HOP2   H  N N 59 
DG  "H5'"  H  N N 60 
DG  "H5''" H  N N 61 
DG  "H4'"  H  N N 62 
DG  "H3'"  H  N N 63 
DG  "HO3'" H  N N 64 
DG  "H2'"  H  N N 65 
DG  "H2''" H  N N 66 
DG  "H1'"  H  N N 67 
DG  H8     H  N N 68 
DG  H1     H  N N 69 
DG  H21    H  N N 70 
DG  H22    H  N N 71 
HOH O      O  N N 72 
HOH H1     H  N N 73 
HOH H2     H  N N 74 
NCO CO     CO N N 75 
NCO N1     N  N N 76 
NCO N2     N  N N 77 
NCO N3     N  N N 78 
NCO N4     N  N N 79 
NCO N5     N  N N 80 
NCO N6     N  N N 81 
NCO HN11   H  N N 82 
NCO HN12   H  N N 83 
NCO HN13   H  N N 84 
NCO HN21   H  N N 85 
NCO HN22   H  N N 86 
NCO HN23   H  N N 87 
NCO HN31   H  N N 88 
NCO HN32   H  N N 89 
NCO HN33   H  N N 90 
NCO HN41   H  N N 91 
NCO HN42   H  N N 92 
NCO HN43   H  N N 93 
NCO HN51   H  N N 94 
NCO HN52   H  N N 95 
NCO HN53   H  N N 96 
NCO HN61   H  N N 97 
NCO HN62   H  N N 98 
NCO HN63   H  N N 99 
# 
loop_
_chem_comp_bond.comp_id 
_chem_comp_bond.atom_id_1 
_chem_comp_bond.atom_id_2 
_chem_comp_bond.value_order 
_chem_comp_bond.pdbx_aromatic_flag 
_chem_comp_bond.pdbx_stereo_config 
_chem_comp_bond.pdbx_ordinal 
DC  OP3   P      sing N N 1   
DC  OP3   HOP3   sing N N 2   
DC  P     OP1    doub N N 3   
DC  P     OP2    sing N N 4   
DC  P     "O5'"  sing N N 5   
DC  OP2   HOP2   sing N N 6   
DC  "O5'" "C5'"  sing N N 7   
DC  "C5'" "C4'"  sing N N 8   
DC  "C5'" "H5'"  sing N N 9   
DC  "C5'" "H5''" sing N N 10  
DC  "C4'" "O4'"  sing N N 11  
DC  "C4'" "C3'"  sing N N 12  
DC  "C4'" "H4'"  sing N N 13  
DC  "O4'" "C1'"  sing N N 14  
DC  "C3'" "O3'"  sing N N 15  
DC  "C3'" "C2'"  sing N N 16  
DC  "C3'" "H3'"  sing N N 17  
DC  "O3'" "HO3'" sing N N 18  
DC  "C2'" "C1'"  sing N N 19  
DC  "C2'" "H2'"  sing N N 20  
DC  "C2'" "H2''" sing N N 21  
DC  "C1'" N1     sing N N 22  
DC  "C1'" "H1'"  sing N N 23  
DC  N1    C2     sing N N 24  
DC  N1    C6     sing N N 25  
DC  C2    O2     doub N N 26  
DC  C2    N3     sing N N 27  
DC  N3    C4     doub N N 28  
DC  C4    N4     sing N N 29  
DC  C4    C5     sing N N 30  
DC  N4    H41    sing N N 31  
DC  N4    H42    sing N N 32  
DC  C5    C6     doub N N 33  
DC  C5    H5     sing N N 34  
DC  C6    H6     sing N N 35  
DG  OP3   P      sing N N 36  
DG  OP3   HOP3   sing N N 37  
DG  P     OP1    doub N N 38  
DG  P     OP2    sing N N 39  
DG  P     "O5'"  sing N N 40  
DG  OP2   HOP2   sing N N 41  
DG  "O5'" "C5'"  sing N N 42  
DG  "C5'" "C4'"  sing N N 43  
DG  "C5'" "H5'"  sing N N 44  
DG  "C5'" "H5''" sing N N 45  
DG  "C4'" "O4'"  sing N N 46  
DG  "C4'" "C3'"  sing N N 47  
DG  "C4'" "H4'"  sing N N 48  
DG  "O4'" "C1'"  sing N N 49  
DG  "C3'" "O3'"  sing N N 50  
DG  "C3'" "C2'"  sing N N 51  
DG  "C3'" "H3'"  sing N N 52  
DG  "O3'" "HO3'" sing N N 53  
DG  "C2'" "C1'"  sing N N 54  
DG  "C2'" "H2'"  sing N N 55  
DG  "C2'" "H2''" sing N N 56  
DG  "C1'" N9     sing N N 57  
DG  "C1'" "H1'"  sing N N 58  
DG  N9    C8     sing Y N 59  
DG  N9    C4     sing Y N 60  
DG  C8    N7     doub Y N 61  
DG  C8    H8     sing N N 62  
DG  N7    C5     sing Y N 63  
DG  C5    C6     sing N N 64  
DG  C5    C4     doub Y N 65  
DG  C6    O6     doub N N 66  
DG  C6    N1     sing N N 67  
DG  N1    C2     sing N N 68  
DG  N1    H1     sing N N 69  
DG  C2    N2     sing N N 70  
DG  C2    N3     doub N N 71  
DG  N2    H21    sing N N 72  
DG  N2    H22    sing N N 73  
DG  N3    C4     sing N N 74  
HOH O     H1     sing N N 75  
HOH O     H2     sing N N 76  
NCO CO    N1     sing N N 77  
NCO CO    N2     sing N N 78  
NCO CO    N3     sing N N 79  
NCO CO    N4     sing N N 80  
NCO CO    N5     sing N N 81  
NCO CO    N6     sing N N 82  
NCO N1    HN11   sing N N 83  
NCO N1    HN12   sing N N 84  
NCO N1    HN13   sing N N 85  
NCO N2    HN21   sing N N 86  
NCO N2    HN22   sing N N 87  
NCO N2    HN23   sing N N 88  
NCO N3    HN31   sing N N 89  
NCO N3    HN32   sing N N 90  
NCO N3    HN33   sing N N 91  
NCO N4    HN41   sing N N 92  
NCO N4    HN42   sing N N 93  
NCO N4    HN43   sing N N 94  
NCO N5    HN51   sing N N 95  
NCO N5    HN52   sing N N 96  
NCO N5    HN53   sing N N 97  
NCO N6    HN61   sing N N 98  
NCO N6    HN62   sing N N 99  
NCO N6    HN63   sing N N 100 
# 
_ndb_struct_conf_na.entry_id   331D 
_ndb_struct_conf_na.feature    'z-form double helix' 
# 
loop_
_ndb_struct_na_base_pair.model_number 
_ndb_struct_na_base_pair.i_label_asym_id 
_ndb_struct_na_base_pair.i_label_comp_id 
_ndb_struct_na_base_pair.i_label_seq_id 
_ndb_struct_na_base_pair.i_symmetry 
_ndb_struct_na_base_pair.j_label_asym_id 
_ndb_struct_na_base_pair.j_label_comp_id 
_ndb_struct_na_base_pair.j_label_seq_id 
_ndb_struct_na_base_pair.j_symmetry 
_ndb_struct_na_base_pair.shear 
_ndb_struct_na_base_pair.stretch 
_ndb_struct_na_base_pair.stagger 
_ndb_struct_na_base_pair.buckle 
_ndb_struct_na_base_pair.propeller 
_ndb_struct_na_base_pair.opening 
_ndb_struct_na_base_pair.pair_number 
_ndb_struct_na_base_pair.pair_name 
_ndb_struct_na_base_pair.i_auth_asym_id 
_ndb_struct_na_base_pair.i_auth_seq_id 
_ndb_struct_na_base_pair.i_PDB_ins_code 
_ndb_struct_na_base_pair.j_auth_asym_id 
_ndb_struct_na_base_pair.j_auth_seq_id 
_ndb_struct_na_base_pair.j_PDB_ins_code 
_ndb_struct_na_base_pair.hbond_type_28 
_ndb_struct_na_base_pair.hbond_type_12 
1 A DC 2 1_555 B DG 7 1_555 -0.237 -0.074 -0.088 10.264  -2.971 3.656 1 A_DC2:DG14_B A 2 ? B 14 ? 19 1 
1 A DG 3 1_555 B DC 6 1_555 0.260  -0.238 0.318  -8.186  -1.322 4.106 2 A_DG3:DC13_B A 3 ? B 13 ? 19 1 
1 A DC 4 1_555 B DG 5 1_555 -0.164 -0.122 0.192  0.308   0.440  2.781 3 A_DC4:DG12_B A 4 ? B 12 ? 19 1 
1 A DG 5 1_555 B DC 4 1_555 0.070  -0.120 0.140  -0.942  -1.583 1.974 4 A_DG5:DC11_B A 5 ? B 11 ? 19 1 
1 A DC 6 1_555 B DG 3 1_555 -0.333 -0.201 0.024  9.018   -3.203 1.575 5 A_DC6:DG10_B A 6 ? B 10 ? 19 1 
1 A DG 7 1_555 B DC 2 1_555 0.210  -0.233 0.270  -11.419 2.627  2.103 6 A_DG7:DC9_B  A 7 ? B 9  ? 19 1 
# 
loop_
_ndb_struct_na_base_pair_step.model_number 
_ndb_struct_na_base_pair_step.i_label_asym_id_1 
_ndb_struct_na_base_pair_step.i_label_comp_id_1 
_ndb_struct_na_base_pair_step.i_label_seq_id_1 
_ndb_struct_na_base_pair_step.i_symmetry_1 
_ndb_struct_na_base_pair_step.j_label_asym_id_1 
_ndb_struct_na_base_pair_step.j_label_comp_id_1 
_ndb_struct_na_base_pair_step.j_label_seq_id_1 
_ndb_struct_na_base_pair_step.j_symmetry_1 
_ndb_struct_na_base_pair_step.i_label_asym_id_2 
_ndb_struct_na_base_pair_step.i_label_comp_id_2 
_ndb_struct_na_base_pair_step.i_label_seq_id_2 
_ndb_struct_na_base_pair_step.i_symmetry_2 
_ndb_struct_na_base_pair_step.j_label_asym_id_2 
_ndb_struct_na_base_pair_step.j_label_comp_id_2 
_ndb_struct_na_base_pair_step.j_label_seq_id_2 
_ndb_struct_na_base_pair_step.j_symmetry_2 
_ndb_struct_na_base_pair_step.shift 
_ndb_struct_na_base_pair_step.slide 
_ndb_struct_na_base_pair_step.rise 
_ndb_struct_na_base_pair_step.tilt 
_ndb_struct_na_base_pair_step.roll 
_ndb_struct_na_base_pair_step.twist 
_ndb_struct_na_base_pair_step.x_displacement 
_ndb_struct_na_base_pair_step.y_displacement 
_ndb_struct_na_base_pair_step.helical_rise 
_ndb_struct_na_base_pair_step.inclination 
_ndb_struct_na_base_pair_step.tip 
_ndb_struct_na_base_pair_step.helical_twist 
_ndb_struct_na_base_pair_step.step_number 
_ndb_struct_na_base_pair_step.step_name 
_ndb_struct_na_base_pair_step.i_auth_asym_id_1 
_ndb_struct_na_base_pair_step.i_auth_seq_id_1 
_ndb_struct_na_base_pair_step.i_PDB_ins_code_1 
_ndb_struct_na_base_pair_step.j_auth_asym_id_1 
_ndb_struct_na_base_pair_step.j_auth_seq_id_1 
_ndb_struct_na_base_pair_step.j_PDB_ins_code_1 
_ndb_struct_na_base_pair_step.i_auth_asym_id_2 
_ndb_struct_na_base_pair_step.i_auth_seq_id_2 
_ndb_struct_na_base_pair_step.i_PDB_ins_code_2 
_ndb_struct_na_base_pair_step.j_auth_asym_id_2 
_ndb_struct_na_base_pair_step.j_auth_seq_id_2 
_ndb_struct_na_base_pair_step.j_PDB_ins_code_2 
1 A DC 2 1_555 B DG 7 1_555 A DG 3 1_555 B DC 6 1_555 0.075  5.597  4.077 -3.239 -2.799 -4.957  -28.584 -22.960 5.514 26.696  
-30.897 -6.549  1 AA_DC2DG3:DC13DG14_BB A 2 ? B 14 ? A 3 ? B 13 ? 
1 A DG 3 1_555 B DC 6 1_555 A DC 4 1_555 B DG 5 1_555 -0.064 -1.127 3.305 1.695  0.022  -49.777 1.337   0.049   3.306 -0.026  
2.012   -49.804 2 AA_DG3DC4:DG12DC13_BB A 3 ? B 13 ? A 4 ? B 12 ? 
1 A DC 4 1_555 B DG 5 1_555 A DG 5 1_555 B DC 4 1_555 -0.094 5.294  3.664 1.269  -2.817 -9.826  -22.788 2.495   4.952 15.938  
7.180   -10.299 3 AA_DC4DG5:DC11DG12_BB A 4 ? B 12 ? A 5 ? B 11 ? 
1 A DG 5 1_555 B DC 4 1_555 A DC 6 1_555 B DG 3 1_555 -0.055 -1.004 3.229 -0.696 -3.400 -49.417 1.444   -0.116  3.157 4.062   
-0.831  -49.531 4 AA_DG5DC6:DG10DC11_BB A 5 ? B 11 ? A 6 ? B 10 ? 
1 A DC 6 1_555 B DG 3 1_555 A DG 7 1_555 B DC 2 1_555 0.173  5.763  4.251 -2.710 1.368  -6.871  -49.182 -8.954  2.904 -10.747 
-21.291 -7.511  5 AA_DC6DG7:DC9DG10_BB  A 6 ? B 10 ? A 7 ? B 9  ? 
# 
_pdbx_initial_refinement_model.accession_code   ? 
_pdbx_initial_refinement_model.id               1 
_pdbx_initial_refinement_model.entity_id_list   ? 
_pdbx_initial_refinement_model.type             'experimental model' 
_pdbx_initial_refinement_model.source_name      Other 
_pdbx_initial_refinement_model.details          'Z-DNA haxamer d(CGCGCG)' 
# 
_atom_sites.entry_id                    331D 
_atom_sites.fract_transf_matrix[1][1]   0.03090718 
_atom_sites.fract_transf_matrix[1][2]   0.03525326 
_atom_sites.fract_transf_matrix[1][3]   -0.01423241 
_atom_sites.fract_transf_matrix[2][1]   -0.02593879 
_atom_sites.fract_transf_matrix[2][2]   0.02122868 
_atom_sites.fract_transf_matrix[2][3]   -0.00374600 
_atom_sites.fract_transf_matrix[3][1]   0.00198463 
_atom_sites.fract_transf_matrix[3][2]   0.00565891 
_atom_sites.fract_transf_matrix[3][3]   0.01832681 
_atom_sites.fract_transf_vector[1]      -0.234220 
_atom_sites.fract_transf_vector[2]      1.096312 
_atom_sites.fract_transf_vector[3]      0.768489 
# 
loop_
_atom_type.symbol 
C  
CO 
N  
O  
P  
# 
loop_
_atom_site.group_PDB 
_atom_site.id 
_atom_site.type_symbol 
_atom_site.label_atom_id 
_atom_site.label_alt_id 
_atom_site.label_comp_id 
_atom_site.label_asym_id 
_atom_site.label_entity_id 
_atom_site.label_seq_id 
_atom_site.pdbx_PDB_ins_code 
_atom_site.Cartn_x 
_atom_site.Cartn_y 
_atom_site.Cartn_z 
_atom_site.occupancy 
_atom_site.B_iso_or_equiv 
_atom_site.pdbx_formal_charge 
_atom_site.auth_seq_id 
_atom_site.auth_comp_id 
_atom_site.auth_asym_id 
_atom_site.auth_atom_id 
_atom_site.pdbx_PDB_model_num 
ATOM   1   O  "O5'" . DG  A 1 1 ? -8.982  -3.960  -10.328 1.00 56.81  ? 1  DG  A "O5'" 1 
ATOM   2   C  "C5'" . DG  A 1 1 ? -8.396  -2.862  -9.590  1.00 53.78  ? 1  DG  A "C5'" 1 
ATOM   3   C  "C4'" . DG  A 1 1 ? -6.868  -2.666  -9.803  1.00 49.46  ? 1  DG  A "C4'" 1 
ATOM   4   O  "O4'" . DG  A 1 1 ? -6.141  -3.853  -9.445  1.00 47.94  ? 1  DG  A "O4'" 1 
ATOM   5   C  "C3'" . DG  A 1 1 ? -6.469  -2.401  -11.274 1.00 47.61  ? 1  DG  A "C3'" 1 
ATOM   6   O  "O3'" . DG  A 1 1 ? -5.154  -1.831  -11.318 1.00 42.76  ? 1  DG  A "O3'" 1 
ATOM   7   C  "C2'" . DG  A 1 1 ? -6.370  -3.814  -11.815 1.00 45.92  ? 1  DG  A "C2'" 1 
ATOM   8   C  "C1'" . DG  A 1 1 ? -5.668  -4.452  -10.668 1.00 45.79  ? 1  DG  A "C1'" 1 
ATOM   9   N  N9    . DG  A 1 1 ? -5.773  -5.889  -10.600 1.00 42.82  ? 1  DG  A N9    1 
ATOM   10  C  C8    . DG  A 1 1 ? -6.776  -6.676  -10.108 1.00 42.68  ? 1  DG  A C8    1 
ATOM   11  N  N7    . DG  A 1 1 ? -6.406  -7.913  -9.934  1.00 40.94  ? 1  DG  A N7    1 
ATOM   12  C  C5    . DG  A 1 1 ? -5.084  -7.939  -10.349 1.00 40.16  ? 1  DG  A C5    1 
ATOM   13  C  C6    . DG  A 1 1 ? -4.116  -8.961  -10.208 1.00 41.15  ? 1  DG  A C6    1 
ATOM   14  O  O6    . DG  A 1 1 ? -4.267  -10.151 -9.905  1.00 41.37  ? 1  DG  A O6    1 
ATOM   15  N  N1    . DG  A 1 1 ? -2.859  -8.490  -10.538 1.00 40.46  ? 1  DG  A N1    1 
ATOM   16  C  C2    . DG  A 1 1 ? -2.543  -7.224  -10.982 1.00 40.96  ? 1  DG  A C2    1 
ATOM   17  N  N2    . DG  A 1 1 ? -1.262  -6.986  -11.298 1.00 42.02  ? 1  DG  A N2    1 
ATOM   18  N  N3    . DG  A 1 1 ? -3.455  -6.263  -11.121 1.00 39.39  ? 1  DG  A N3    1 
ATOM   19  C  C4    . DG  A 1 1 ? -4.694  -6.701  -10.777 1.00 40.84  ? 1  DG  A C4    1 
ATOM   20  P  P     . DC  A 1 2 ? -4.964  -0.261  -11.191 1.00 37.95  ? 2  DC  A P     1 
ATOM   21  O  OP1   . DC  A 1 2 ? -5.946  0.294   -10.240 1.00 39.50  ? 2  DC  A OP1   1 
ATOM   22  O  OP2   . DC  A 1 2 ? -4.876  0.278   -12.563 1.00 39.51  ? 2  DC  A OP2   1 
ATOM   23  O  "O5'" . DC  A 1 2 ? -3.535  -0.253  -10.533 1.00 31.69  ? 2  DC  A "O5'" 1 
ATOM   24  C  "C5'" . DC  A 1 2 ? -2.994  0.795   -9.755  1.00 26.21  ? 2  DC  A "C5'" 1 
ATOM   25  C  "C4'" . DC  A 1 2 ? -1.728  0.263   -9.149  1.00 22.77  ? 2  DC  A "C4'" 1 
ATOM   26  O  "O4'" . DC  A 1 2 ? -1.995  -0.891  -8.296  1.00 21.71  ? 2  DC  A "O4'" 1 
ATOM   27  C  "C3'" . DC  A 1 2 ? -0.789  -0.234  -10.262 1.00 18.98  ? 2  DC  A "C3'" 1 
ATOM   28  O  "O3'" . DC  A 1 2 ? 0.495   0.169   -9.896  1.00 19.94  ? 2  DC  A "O3'" 1 
ATOM   29  C  "C2'" . DC  A 1 2 ? -0.851  -1.747  -10.149 1.00 18.79  ? 2  DC  A "C2'" 1 
ATOM   30  C  "C1'" . DC  A 1 2 ? -1.101  -1.975  -8.660  1.00 17.64  ? 2  DC  A "C1'" 1 
ATOM   31  N  N1    . DC  A 1 2 ? -1.694  -3.315  -8.385  1.00 16.24  ? 2  DC  A N1    1 
ATOM   32  C  C2    . DC  A 1 2 ? -0.853  -4.428  -8.354  1.00 15.03  ? 2  DC  A C2    1 
ATOM   33  O  O2    . DC  A 1 2 ? 0.362   -4.361  -8.569  1.00 14.49  ? 2  DC  A O2    1 
ATOM   34  N  N3    . DC  A 1 2 ? -1.408  -5.638  -8.090  1.00 13.28  ? 2  DC  A N3    1 
ATOM   35  C  C4    . DC  A 1 2 ? -2.707  -5.778  -7.860  1.00 13.33  ? 2  DC  A C4    1 
ATOM   36  N  N4    . DC  A 1 2 ? -3.156  -6.973  -7.494  1.00 15.31  ? 2  DC  A N4    1 
ATOM   37  C  C5    . DC  A 1 2 ? -3.575  -4.654  -7.894  1.00 15.41  ? 2  DC  A C5    1 
ATOM   38  C  C6    . DC  A 1 2 ? -3.025  -3.455  -8.156  1.00 14.39  ? 2  DC  A C6    1 
ATOM   39  P  P     . DG  A 1 3 ? 1.150   1.529   -10.427 1.00 20.61  ? 3  DG  A P     1 
ATOM   40  O  OP1   . DG  A 1 3 ? 0.870   1.639   -11.882 1.00 15.64  ? 3  DG  A OP1   1 
ATOM   41  O  OP2   . DG  A 1 3 ? 2.545   1.558   -9.923  1.00 21.60  ? 3  DG  A OP2   1 
ATOM   42  O  "O5'" . DG  A 1 3 ? 0.390   2.700   -9.645  1.00 21.34  ? 3  DG  A "O5'" 1 
ATOM   43  C  "C5'" . DG  A 1 3 ? 0.736   3.113   -8.313  1.00 19.92  ? 3  DG  A "C5'" 1 
ATOM   44  C  "C4'" . DG  A 1 3 ? -0.359  4.017   -7.803  1.00 20.05  ? 3  DG  A "C4'" 1 
ATOM   45  O  "O4'" . DG  A 1 3 ? -1.645  3.386   -7.988  1.00 17.43  ? 3  DG  A "O4'" 1 
ATOM   46  C  "C3'" . DG  A 1 3 ? -0.192  4.240   -6.304  1.00 19.60  ? 3  DG  A "C3'" 1 
ATOM   47  O  "O3'" . DG  A 1 3 ? 0.754   5.308   -6.137  1.00 20.71  ? 3  DG  A "O3'" 1 
ATOM   48  C  "C2'" . DG  A 1 3 ? -1.644  4.567   -5.933  1.00 18.20  ? 3  DG  A "C2'" 1 
ATOM   49  C  "C1'" . DG  A 1 3 ? -2.521  3.806   -6.937  1.00 17.93  ? 3  DG  A "C1'" 1 
ATOM   50  N  N9    . DG  A 1 3 ? -3.164  2.623   -6.352  1.00 19.14  ? 3  DG  A N9    1 
ATOM   51  C  C8    . DG  A 1 3 ? -4.512  2.401   -6.265  1.00 20.49  ? 3  DG  A C8    1 
ATOM   52  N  N7    . DG  A 1 3 ? -4.823  1.221   -5.797  1.00 18.65  ? 3  DG  A N7    1 
ATOM   53  C  C5    . DG  A 1 3 ? -3.584  0.605   -5.552  1.00 18.06  ? 3  DG  A C5    1 
ATOM   54  C  C6    . DG  A 1 3 ? -3.291  -0.733  -5.166  1.00 17.67  ? 3  DG  A C6    1 
ATOM   55  O  O6    . DG  A 1 3 ? -4.100  -1.606  -4.872  1.00 19.47  ? 3  DG  A O6    1 
ATOM   56  N  N1    . DG  A 1 3 ? -1.932  -1.030  -5.159  1.00 17.39  ? 3  DG  A N1    1 
ATOM   57  C  C2    . DG  A 1 3 ? -0.938  -0.140  -5.480  1.00 16.33  ? 3  DG  A C2    1 
ATOM   58  N  N2    . DG  A 1 3 ? 0.295   -0.601  -5.481  1.00 12.44  ? 3  DG  A N2    1 
ATOM   59  N  N3    . DG  A 1 3 ? -1.198  1.129   -5.839  1.00 17.15  ? 3  DG  A N3    1 
ATOM   60  C  C4    . DG  A 1 3 ? -2.545  1.440   -5.870  1.00 18.33  ? 3  DG  A C4    1 
ATOM   61  P  P     . DC  A 1 4 ? 1.270   5.880   -4.711  1.00 19.94  ? 4  DC  A P     1 
ATOM   62  O  OP1   . DC  A 1 4 ? 0.134   6.025   -3.739  1.00 20.60  ? 4  DC  A OP1   1 
ATOM   63  O  OP2   . DC  A 1 4 ? 2.133   7.087   -4.925  1.00 21.94  ? 4  DC  A OP2   1 
ATOM   64  O  "O5'" . DC  A 1 4 ? 2.217   4.689   -4.225  1.00 19.35  ? 4  DC  A "O5'" 1 
ATOM   65  C  "C5'" . DC  A 1 4 ? 3.232   4.836   -3.244  1.00 17.22  ? 4  DC  A "C5'" 1 
ATOM   66  C  "C4'" . DC  A 1 4 ? 3.521   3.468   -2.660  1.00 16.65  ? 4  DC  A "C4'" 1 
ATOM   67  O  "O4'" . DC  A 1 4 ? 2.306   3.012   -2.046  1.00 14.95  ? 4  DC  A "O4'" 1 
ATOM   68  C  "C3'" . DC  A 1 4 ? 3.935   2.388   -3.710  1.00 15.71  ? 4  DC  A "C3'" 1 
ATOM   69  O  "O3'" . DC  A 1 4 ? 4.933   1.505   -3.191  1.00 16.77  ? 4  DC  A "O3'" 1 
ATOM   70  C  "C2'" . DC  A 1 4 ? 2.672   1.595   -3.871  1.00 15.87  ? 4  DC  A "C2'" 1 
ATOM   71  C  "C1'" . DC  A 1 4 ? 2.066   1.682   -2.490  1.00 14.65  ? 4  DC  A "C1'" 1 
ATOM   72  N  N1    . DC  A 1 4 ? 0.627   1.371   -2.436  1.00 14.14  ? 4  DC  A N1    1 
ATOM   73  C  C2    . DC  A 1 4 ? 0.233   0.076   -2.100  1.00 14.90  ? 4  DC  A C2    1 
ATOM   74  O  O2    . DC  A 1 4 ? 1.033   -0.847  -1.915  1.00 14.96  ? 4  DC  A O2    1 
ATOM   75  N  N3    . DC  A 1 4 ? -1.088  -0.170  -1.949  1.00 15.33  ? 4  DC  A N3    1 
ATOM   76  C  C4    . DC  A 1 4 ? -2.001  0.800   -2.117  1.00 16.61  ? 4  DC  A C4    1 
ATOM   77  N  N4    . DC  A 1 4 ? -3.305  0.489   -2.006  1.00 15.80  ? 4  DC  A N4    1 
ATOM   78  C  C5    . DC  A 1 4 ? -1.602  2.138   -2.461  1.00 15.59  ? 4  DC  A C5    1 
ATOM   79  C  C6    . DC  A 1 4 ? -0.285  2.369   -2.615  1.00 14.55  ? 4  DC  A C6    1 
ATOM   80  P  P     . DG  A 1 5 ? 6.439   1.851   -3.439  1.00 18.06  ? 5  DG  A P     1 
ATOM   81  O  OP1   . DG  A 1 5 ? 6.648   2.273   -4.828  1.00 20.03  ? 5  DG  A OP1   1 
ATOM   82  O  OP2   . DG  A 1 5 ? 7.162   0.664   -2.923  1.00 23.04  ? 5  DG  A OP2   1 
ATOM   83  O  "O5'" . DG  A 1 5 ? 6.861   3.078   -2.543  1.00 17.95  ? 5  DG  A "O5'" 1 
ATOM   84  C  "C5'" . DG  A 1 5 ? 6.794   3.012   -1.130  1.00 14.83  ? 5  DG  A "C5'" 1 
ATOM   85  C  "C4'" . DG  A 1 5 ? 6.980   4.382   -0.576  1.00 17.08  ? 5  DG  A "C4'" 1 
ATOM   86  O  "O4'" . DG  A 1 5 ? 6.044   5.335   -1.082  1.00 18.13  ? 5  DG  A "O4'" 1 
ATOM   87  C  "C3'" . DG  A 1 5 ? 6.949   4.414   0.933   1.00 18.19  ? 5  DG  A "C3'" 1 
ATOM   88  O  "O3'" . DG  A 1 5 ? 8.311   4.463   1.314   1.00 20.55  ? 5  DG  A "O3'" 1 
ATOM   89  C  "C2'" . DG  A 1 5 ? 6.378   5.783   1.232   1.00 16.32  ? 5  DG  A "C2'" 1 
ATOM   90  C  "C1'" . DG  A 1 5 ? 5.594   6.169   -0.003  1.00 15.42  ? 5  DG  A "C1'" 1 
ATOM   91  N  N9    . DG  A 1 5 ? 4.121   6.091   0.125   1.00 14.09  ? 5  DG  A N9    1 
ATOM   92  C  C8    . DG  A 1 5 ? 3.262   7.103   -0.151  1.00 13.69  ? 5  DG  A C8    1 
ATOM   93  N  N7    . DG  A 1 5 ? 1.998   6.797   -0.042  1.00 14.24  ? 5  DG  A N7    1 
ATOM   94  C  C5    . DG  A 1 5 ? 2.028   5.467   0.351   1.00 12.90  ? 5  DG  A C5    1 
ATOM   95  C  C6    . DG  A 1 5 ? 0.944   4.588   0.562   1.00 13.36  ? 5  DG  A C6    1 
ATOM   96  O  O6    . DG  A 1 5 ? -0.254  4.846   0.423   1.00 15.93  ? 5  DG  A O6    1 
ATOM   97  N  N1    . DG  A 1 5 ? 1.372   3.306   0.876   1.00 14.96  ? 5  DG  A N1    1 
ATOM   98  C  C2    . DG  A 1 5 ? 2.703   2.906   0.972   1.00 12.46  ? 5  DG  A C2    1 
ATOM   99  N  N2    . DG  A 1 5 ? 2.918   1.626   1.234   1.00 13.20  ? 5  DG  A N2    1 
ATOM   100 N  N3    . DG  A 1 5 ? 3.742   3.729   0.780   1.00 13.02  ? 5  DG  A N3    1 
ATOM   101 C  C4    . DG  A 1 5 ? 3.327   5.007   0.465   1.00 12.43  ? 5  DG  A C4    1 
ATOM   102 P  P     . DC  A 1 6 ? 9.032   3.410   2.238   1.00 23.75  ? 6  DC  A P     1 
ATOM   103 O  OP1   . DC  A 1 6 ? 10.277  4.089   2.622   1.00 24.57  ? 6  DC  A OP1   1 
ATOM   104 O  OP2   . DC  A 1 6 ? 9.097   2.068   1.554   1.00 27.12  ? 6  DC  A OP2   1 
ATOM   105 O  "O5'" . DC  A 1 6 ? 8.070   3.288   3.479   1.00 18.94  ? 6  DC  A "O5'" 1 
ATOM   106 C  "C5'" . DC  A 1 6 ? 8.483   2.474   4.562   1.00 18.27  ? 6  DC  A "C5'" 1 
ATOM   107 C  "C4'" . DC  A 1 6 ? 7.319   1.731   5.148   1.00 16.91  ? 6  DC  A "C4'" 1 
ATOM   108 O  "O4'" . DC  A 1 6 ? 6.284   2.650   5.504   1.00 16.64  ? 6  DC  A "O4'" 1 
ATOM   109 C  "C3'" . DC  A 1 6 ? 6.774   0.731   4.171   1.00 15.95  ? 6  DC  A "C3'" 1 
ATOM   110 O  "O3'" . DC  A 1 6 ? 6.715   -0.484  4.887   1.00 19.51  ? 6  DC  A "O3'" 1 
ATOM   111 C  "C2'" . DC  A 1 6 ? 5.429   1.243   3.817   1.00 13.77  ? 6  DC  A "C2'" 1 
ATOM   112 C  "C1'" . DC  A 1 6 ? 5.062   2.081   5.017   1.00 14.97  ? 6  DC  A "C1'" 1 
ATOM   113 N  N1    . DC  A 1 6 ? 4.078   3.142   4.696   1.00 14.29  ? 6  DC  A N1    1 
ATOM   114 C  C2    . DC  A 1 6 ? 2.721   2.801   4.697   1.00 13.18  ? 6  DC  A C2    1 
ATOM   115 O  O2    . DC  A 1 6 ? 2.355   1.685   5.058   1.00 16.42  ? 6  DC  A O2    1 
ATOM   116 N  N3    . DC  A 1 6 ? 1.807   3.735   4.296   1.00 15.55  ? 6  DC  A N3    1 
ATOM   117 C  C4    . DC  A 1 6 ? 2.215   4.962   3.915   1.00 12.77  ? 6  DC  A C4    1 
ATOM   118 N  N4    . DC  A 1 6 ? 1.323   5.843   3.517   1.00 15.67  ? 6  DC  A N4    1 
ATOM   119 C  C5    . DC  A 1 6 ? 3.594   5.335   3.923   1.00 13.45  ? 6  DC  A C5    1 
ATOM   120 C  C6    . DC  A 1 6 ? 4.484   4.397   4.320   1.00 14.55  ? 6  DC  A C6    1 
ATOM   121 P  P     . DG  A 1 7 ? 7.875   -1.611  4.685   1.00 20.49  ? 7  DG  A P     1 
ATOM   122 O  OP1   . DG  A 1 7 ? 8.208   -1.704  3.245   1.00 22.35  ? 7  DG  A OP1   1 
ATOM   123 O  OP2   . DG  A 1 7 ? 7.385   -2.834  5.356   1.00 22.32  ? 7  DG  A OP2   1 
ATOM   124 O  "O5'" . DG  A 1 7 ? 9.156   -0.970  5.444   1.00 18.48  ? 7  DG  A "O5'" 1 
ATOM   125 C  "C5'" . DG  A 1 7 ? 9.376   -0.957  6.863   1.00 18.24  ? 7  DG  A "C5'" 1 
ATOM   126 C  "C4'" . DG  A 1 7 ? 10.598  -0.172  7.232   1.00 16.07  ? 7  DG  A "C4'" 1 
ATOM   127 O  "O4'" . DG  A 1 7 ? 10.411  1.201   6.864   1.00 16.09  ? 7  DG  A "O4'" 1 
ATOM   128 C  "C3'" . DG  A 1 7 ? 10.881  -0.208  8.747   1.00 19.02  ? 7  DG  A "C3'" 1 
ATOM   129 O  "O3'" . DG  A 1 7 ? 12.278  -0.287  9.032   1.00 21.63  ? 7  DG  A "O3'" 1 
ATOM   130 C  "C2'" . DG  A 1 7 ? 10.446  1.157   9.197   1.00 18.26  ? 7  DG  A "C2'" 1 
ATOM   131 C  "C1'" . DG  A 1 7 ? 10.674  2.047   7.992   1.00 17.13  ? 7  DG  A "C1'" 1 
ATOM   132 N  N9    . DG  A 1 7 ? 9.814   3.252   7.943   1.00 17.52  ? 7  DG  A N9    1 
ATOM   133 C  C8    . DG  A 1 7 ? 10.214  4.491   7.543   1.00 18.53  ? 7  DG  A C8    1 
ATOM   134 N  N7    . DG  A 1 7 ? 9.253   5.366   7.492   1.00 19.96  ? 7  DG  A N7    1 
ATOM   135 C  C5    . DG  A 1 7 ? 8.108   4.659   7.895   1.00 20.20  ? 7  DG  A C5    1 
ATOM   136 C  C6    . DG  A 1 7 ? 6.719   5.070   7.952   1.00 17.48  ? 7  DG  A C6    1 
ATOM   137 O  O6    . DG  A 1 7 ? 6.220   6.166   7.718   1.00 20.43  ? 7  DG  A O6    1 
ATOM   138 N  N1    . DG  A 1 7 ? 5.870   4.049   8.299   1.00 14.26  ? 7  DG  A N1    1 
ATOM   139 C  C2    . DG  A 1 7 ? 6.269   2.762   8.574   1.00 16.02  ? 7  DG  A C2    1 
ATOM   140 N  N2    . DG  A 1 7 ? 5.310   1.872   8.856   1.00 13.07  ? 7  DG  A N2    1 
ATOM   141 N  N3    . DG  A 1 7 ? 7.570   2.367   8.536   1.00 17.68  ? 7  DG  A N3    1 
ATOM   142 C  C4    . DG  A 1 7 ? 8.440   3.358   8.184   1.00 17.77  ? 7  DG  A C4    1 
ATOM   143 O  "O5'" . DG  B 1 1 ? -7.127  8.975   11.983  1.00 41.02  ? 8  DG  B "O5'" 1 
ATOM   144 C  "C5'" . DG  B 1 1 ? -5.850  8.411   12.350  1.00 40.55  ? 8  DG  B "C5'" 1 
ATOM   145 C  "C4'" . DG  B 1 1 ? -5.531  7.021   11.707  1.00 40.51  ? 8  DG  B "C4'" 1 
ATOM   146 O  "O4'" . DG  B 1 1 ? -6.379  5.944   12.181  1.00 38.83  ? 8  DG  B "O4'" 1 
ATOM   147 C  "C3'" . DG  B 1 1 ? -5.659  7.018   10.164  1.00 40.47  ? 8  DG  B "C3'" 1 
ATOM   148 O  "O3'" . DG  B 1 1 ? -4.892  5.997   9.494   1.00 42.25  ? 8  DG  B "O3'" 1 
ATOM   149 C  "C2'" . DG  B 1 1 ? -7.055  6.503   10.037  1.00 38.11  ? 8  DG  B "C2'" 1 
ATOM   150 C  "C1'" . DG  B 1 1 ? -7.083  5.382   11.070  1.00 35.39  ? 8  DG  B "C1'" 1 
ATOM   151 N  N9    . DG  B 1 1 ? -8.463  5.034   11.387  1.00 30.51  ? 8  DG  B N9    1 
ATOM   152 C  C8    . DG  B 1 1 ? -9.557  5.805   11.197  1.00 28.38  ? 8  DG  B C8    1 
ATOM   153 N  N7    . DG  B 1 1 ? -10.667 5.212   11.467  1.00 28.16  ? 8  DG  B N7    1 
ATOM   154 C  C5    . DG  B 1 1 ? -10.295 3.957   11.866  1.00 28.46  ? 8  DG  B C5    1 
ATOM   155 C  C6    . DG  B 1 1 ? -11.114 2.920   12.330  1.00 28.87  ? 8  DG  B C6    1 
ATOM   156 O  O6    . DG  B 1 1 ? -12.341 2.884   12.313  1.00 32.44  ? 8  DG  B O6    1 
ATOM   157 N  N1    . DG  B 1 1 ? -10.374 1.845   12.740  1.00 28.66  ? 8  DG  B N1    1 
ATOM   158 C  C2    . DG  B 1 1 ? -9.003  1.769   12.702  1.00 28.50  ? 8  DG  B C2    1 
ATOM   159 N  N2    . DG  B 1 1 ? -8.496  0.667   13.231  1.00 29.71  ? 8  DG  B N2    1 
ATOM   160 N  N3    . DG  B 1 1 ? -8.198  2.746   12.238  1.00 28.41  ? 8  DG  B N3    1 
ATOM   161 C  C4    . DG  B 1 1 ? -8.933  3.820   11.837  1.00 28.78  ? 8  DG  B C4    1 
ATOM   162 P  P     . DC  B 1 2 ? -3.316  5.917   9.516   1.00 40.24  ? 9  DC  B P     1 
ATOM   163 O  OP1   . DC  B 1 2 ? -2.915  5.244   10.779  1.00 40.36  ? 9  DC  B OP1   1 
ATOM   164 O  OP2   . DC  B 1 2 ? -2.762  7.248   9.169   1.00 40.83  ? 9  DC  B OP2   1 
ATOM   165 O  "O5'" . DC  B 1 2 ? -2.977  4.957   8.280   1.00 37.72  ? 9  DC  B "O5'" 1 
ATOM   166 C  "C5'" . DC  B 1 2 ? -3.450  3.607   8.223   1.00 30.98  ? 9  DC  B "C5'" 1 
ATOM   167 C  "C4'" . DC  B 1 2 ? -2.341  2.529   8.263   1.00 25.03  ? 9  DC  B "C4'" 1 
ATOM   168 O  "O4'" . DC  B 1 2 ? -1.192  2.805   7.445   1.00 19.63  ? 9  DC  B "O4'" 1 
ATOM   169 C  "C3'" . DC  B 1 2 ? -1.813  2.100   9.614   1.00 20.84  ? 9  DC  B "C3'" 1 
ATOM   170 O  "O3'" . DC  B 1 2 ? -1.606  0.699   9.476   1.00 21.33  ? 9  DC  B "O3'" 1 
ATOM   171 C  "C2'" . DC  B 1 2 ? -0.484  2.770   9.671   1.00 18.07  ? 9  DC  B "C2'" 1 
ATOM   172 C  "C1'" . DC  B 1 2 ? 0.000   2.720   8.235   1.00 18.47  ? 9  DC  B "C1'" 1 
ATOM   173 N  N1    . DC  B 1 2 ? 0.930   3.823   7.964   1.00 16.12  ? 9  DC  B N1    1 
ATOM   174 C  C2    . DC  B 1 2 ? 2.276   3.590   8.125   1.00 17.50  ? 9  DC  B C2    1 
ATOM   175 O  O2    . DC  B 1 2 ? 2.710   2.505   8.512   1.00 18.10  ? 9  DC  B O2    1 
ATOM   176 N  N3    . DC  B 1 2 ? 3.136   4.594   7.854   1.00 17.16  ? 9  DC  B N3    1 
ATOM   177 C  C4    . DC  B 1 2 ? 2.718   5.794   7.447   1.00 15.83  ? 9  DC  B C4    1 
ATOM   178 N  N4    . DC  B 1 2 ? 3.628   6.740   7.172   1.00 16.56  ? 9  DC  B N4    1 
ATOM   179 C  C5    . DC  B 1 2 ? 1.325   6.050   7.288   1.00 16.19  ? 9  DC  B C5    1 
ATOM   180 C  C6    . DC  B 1 2 ? 0.480   5.039   7.555   1.00 15.72  ? 9  DC  B C6    1 
ATOM   181 P  P     . DG  B 1 3 ? -2.721  -0.364  9.930   1.00 23.44  ? 10 DG  B P     1 
ATOM   182 O  OP1   . DG  B 1 3 ? -3.370  0.138   11.162  1.00 25.74  ? 10 DG  B OP1   1 
ATOM   183 O  OP2   . DG  B 1 3 ? -2.088  -1.702  9.925   1.00 23.73  ? 10 DG  B OP2   1 
ATOM   184 O  "O5'" . DG  B 1 3 ? -3.896  -0.351  8.831   1.00 21.47  ? 10 DG  B "O5'" 1 
ATOM   185 C  "C5'" . DG  B 1 3 ? -3.779  -1.031  7.597   1.00 19.44  ? 10 DG  B "C5'" 1 
ATOM   186 C  "C4'" . DG  B 1 3 ? -4.983  -0.720  6.751   1.00 16.25  ? 10 DG  B "C4'" 1 
ATOM   187 O  "O4'" . DG  B 1 3 ? -5.163  0.679   6.700   1.00 15.24  ? 10 DG  B "O4'" 1 
ATOM   188 C  "C3'" . DG  B 1 3 ? -4.789  -1.265  5.351   1.00 16.03  ? 10 DG  B "C3'" 1 
ATOM   189 O  "O3'" . DG  B 1 3 ? -5.369  -2.551  5.417   1.00 18.76  ? 10 DG  B "O3'" 1 
ATOM   190 C  "C2'" . DG  B 1 3 ? -5.532  -0.271  4.509   1.00 15.57  ? 10 DG  B "C2'" 1 
ATOM   191 C  "C1'" . DG  B 1 3 ? -5.571  0.983   5.374   1.00 16.70  ? 10 DG  B "C1'" 1 
ATOM   192 N  N9    . DG  B 1 3 ? -4.775  2.106   4.882   1.00 17.43  ? 10 DG  B N9    1 
ATOM   193 C  C8    . DG  B 1 3 ? -5.258  3.329   4.542   1.00 17.01  ? 10 DG  B C8    1 
ATOM   194 N  N7    . DG  B 1 3 ? -4.340  4.179   4.226   1.00 19.17  ? 10 DG  B N7    1 
ATOM   195 C  C5    . DG  B 1 3 ? -3.142  3.476   4.374   1.00 16.16  ? 10 DG  B C5    1 
ATOM   196 C  C6    . DG  B 1 3 ? -1.798  3.890   4.138   1.00 17.02  ? 10 DG  B C6    1 
ATOM   197 O  O6    . DG  B 1 3 ? -1.390  5.015   3.826   1.00 15.74  ? 10 DG  B O6    1 
ATOM   198 N  N1    . DG  B 1 3 ? -0.908  2.821   4.356   1.00 15.18  ? 10 DG  B N1    1 
ATOM   199 C  C2    . DG  B 1 3 ? -1.272  1.547   4.750   1.00 11.25  ? 10 DG  B C2    1 
ATOM   200 N  N2    . DG  B 1 3 ? -0.332  0.661   4.979   1.00 10.70  ? 10 DG  B N2    1 
ATOM   201 N  N3    . DG  B 1 3 ? -2.515  1.167   4.965   1.00 11.56  ? 10 DG  B N3    1 
ATOM   202 C  C4    . DG  B 1 3 ? -3.402  2.184   4.766   1.00 16.20  ? 10 DG  B C4    1 
ATOM   203 P  P     . DC  B 1 4 ? -5.261  -3.629  4.273   1.00 22.03  ? 11 DC  B P     1 
ATOM   204 O  OP1   . DC  B 1 4 ? -5.973  -3.096  3.082   1.00 25.43  ? 11 DC  B OP1   1 
ATOM   205 O  OP2   . DC  B 1 4 ? -5.744  -4.906  4.848   1.00 26.45  ? 11 DC  B OP2   1 
ATOM   206 O  "O5'" . DC  B 1 4 ? -3.758  -3.819  3.880   1.00 17.50  ? 11 DC  B "O5'" 1 
ATOM   207 C  "C5'" . DC  B 1 4 ? -3.252  -4.772  2.909   1.00 14.94  ? 11 DC  B "C5'" 1 
ATOM   208 C  "C4'" . DC  B 1 4 ? -1.770  -4.470  2.576   1.00 15.25  ? 11 DC  B "C4'" 1 
ATOM   209 O  "O4'" . DC  B 1 4 ? -1.644  -3.389  1.637   1.00 13.33  ? 11 DC  B "O4'" 1 
ATOM   210 C  "C3'" . DC  B 1 4 ? -0.925  -4.047  3.840   1.00 13.86  ? 11 DC  B "C3'" 1 
ATOM   211 O  "O3'" . DC  B 1 4 ? 0.409   -4.559  3.781   1.00 18.02  ? 11 DC  B "O3'" 1 
ATOM   212 C  "C2'" . DC  B 1 4 ? -0.841  -2.564  3.705   1.00 12.57  ? 11 DC  B "C2'" 1 
ATOM   213 C  "C1'" . DC  B 1 4 ? -0.818  -2.364  2.186   1.00 13.85  ? 11 DC  B "C1'" 1 
ATOM   214 N  N1    . DC  B 1 4 ? -1.238  -0.993  1.801   1.00 14.78  ? 11 DC  B N1    1 
ATOM   215 C  C2    . DC  B 1 4 ? -0.255  -0.035  1.558   1.00 13.21  ? 11 DC  B C2    1 
ATOM   216 O  O2    . DC  B 1 4 ? 0.954   -0.267  1.606   1.00 15.11  ? 11 DC  B O2    1 
ATOM   217 N  N3    . DC  B 1 4 ? -0.641  1.224   1.270   1.00 13.82  ? 11 DC  B N3    1 
ATOM   218 C  C4    . DC  B 1 4 ? -1.930  1.564   1.215   1.00 13.84  ? 11 DC  B C4    1 
ATOM   219 N  N4    . DC  B 1 4 ? -2.218  2.840   0.894   1.00 14.62  ? 11 DC  B N4    1 
ATOM   220 C  C5    . DC  B 1 4 ? -2.959  0.593   1.463   1.00 12.59  ? 11 DC  B C5    1 
ATOM   221 C  C6    . DC  B 1 4 ? -2.565  -0.664  1.749   1.00 14.63  ? 11 DC  B C6    1 
ATOM   222 P  P     . DG  B 1 5 ? 0.706   -6.111  4.151   1.00 21.41  ? 12 DG  B P     1 
ATOM   223 O  OP1   . DG  B 1 5 ? 0.031   -6.384  5.434   1.00 24.13  ? 12 DG  B OP1   1 
ATOM   224 O  OP2   . DG  B 1 5 ? 2.172   -6.307  4.008   1.00 20.67  ? 12 DG  B OP2   1 
ATOM   225 O  "O5'" . DG  B 1 5 ? -0.014  -7.134  3.118   1.00 20.34  ? 12 DG  B "O5'" 1 
ATOM   226 C  "C5'" . DG  B 1 5 ? 0.393   -7.332  1.758   1.00 17.14  ? 12 DG  B "C5'" 1 
ATOM   227 C  "C4'" . DG  B 1 5 ? -0.606  -8.221  1.074   1.00 15.91  ? 12 DG  B "C4'" 1 
ATOM   228 O  "O4'" . DG  B 1 5 ? -1.910  -7.682  1.198   1.00 16.37  ? 12 DG  B "O4'" 1 
ATOM   229 C  "C3'" . DG  B 1 5 ? -0.308  -8.367  -0.399  1.00 18.08  ? 12 DG  B "C3'" 1 
ATOM   230 O  "O3'" . DG  B 1 5 ? 0.576   -9.498  -0.617  1.00 21.81  ? 12 DG  B "O3'" 1 
ATOM   231 C  "C2'" . DG  B 1 5 ? -1.646  -8.483  -1.057  1.00 15.24  ? 12 DG  B "C2'" 1 
ATOM   232 C  "C1'" . DG  B 1 5 ? -2.612  -7.869  -0.048  1.00 17.41  ? 12 DG  B "C1'" 1 
ATOM   233 N  N9    . DG  B 1 5 ? -3.226  -6.575  -0.432  1.00 18.78  ? 12 DG  B N9    1 
ATOM   234 C  C8    . DG  B 1 5 ? -4.557  -6.291  -0.407  1.00 17.53  ? 12 DG  B C8    1 
ATOM   235 N  N7    . DG  B 1 5 ? -4.849  -5.057  -0.687  1.00 17.83  ? 12 DG  B N7    1 
ATOM   236 C  C5    . DG  B 1 5 ? -3.598  -4.474  -0.936  1.00 18.00  ? 12 DG  B C5    1 
ATOM   237 C  C6    . DG  B 1 5 ? -3.280  -3.138  -1.285  1.00 15.05  ? 12 DG  B C6    1 
ATOM   238 O  O6    . DG  B 1 5 ? -4.084  -2.224  -1.464  1.00 18.33  ? 12 DG  B O6    1 
ATOM   239 N  N1    . DG  B 1 5 ? -1.924  -2.924  -1.416  1.00 12.55  ? 12 DG  B N1    1 
ATOM   240 C  C2    . DG  B 1 5 ? -0.972  -3.902  -1.230  1.00 13.28  ? 12 DG  B C2    1 
ATOM   241 N  N2    . DG  B 1 5 ? 0.293   -3.564  -1.431  1.00 12.77  ? 12 DG  B N2    1 
ATOM   242 N  N3    . DG  B 1 5 ? -1.261  -5.174  -0.904  1.00 15.24  ? 12 DG  B N3    1 
ATOM   243 C  C4    . DG  B 1 5 ? -2.590  -5.391  -0.778  1.00 16.83  ? 12 DG  B C4    1 
ATOM   244 P  P     . DC  B 1 6 ? 2.051   -9.229  -1.207  1.00 25.51  ? 13 DC  B P     1 
ATOM   245 O  OP1   . DC  B 1 6 ? 2.814   -10.501 -1.235  1.00 27.51  ? 13 DC  B OP1   1 
ATOM   246 O  OP2   . DC  B 1 6 ? 2.715   -8.127  -0.452  1.00 22.75  ? 13 DC  B OP2   1 
ATOM   247 O  "O5'" . DC  B 1 6 ? 1.705   -8.781  -2.706  1.00 22.34  ? 13 DC  B "O5'" 1 
ATOM   248 C  "C5'" . DC  B 1 6 ? 2.564   -9.067  -3.811  1.00 22.77  ? 13 DC  B "C5'" 1 
ATOM   249 C  "C4'" . DC  B 1 6 ? 2.941   -7.834  -4.594  1.00 20.84  ? 13 DC  B "C4'" 1 
ATOM   250 O  "O4'" . DC  B 1 6 ? 1.771   -7.307  -5.200  1.00 17.03  ? 13 DC  B "O4'" 1 
ATOM   251 C  "C3'" . DC  B 1 6 ? 3.517   -6.784  -3.662  1.00 20.02  ? 13 DC  B "C3'" 1 
ATOM   252 O  "O3'" . DC  B 1 6 ? 4.636   -6.186  -4.286  1.00 22.76  ? 13 DC  B "O3'" 1 
ATOM   253 C  "C2'" . DC  B 1 6 ? 2.376   -5.829  -3.482  1.00 18.75  ? 13 DC  B "C2'" 1 
ATOM   254 C  "C1'" . DC  B 1 6 ? 1.619   -5.948  -4.802  1.00 18.89  ? 13 DC  B "C1'" 1 
ATOM   255 N  N1    . DC  B 1 6 ? 0.186   -5.541  -4.664  1.00 17.32  ? 13 DC  B N1    1 
ATOM   256 C  C2    . DC  B 1 6 ? -0.137  -4.189  -4.909  1.00 14.23  ? 13 DC  B C2    1 
ATOM   257 O  O2    . DC  B 1 6 ? 0.731   -3.354  -5.169  1.00 17.09  ? 13 DC  B O2    1 
ATOM   258 N  N3    . DC  B 1 6 ? -1.433  -3.808  -4.851  1.00 13.27  ? 13 DC  B N3    1 
ATOM   259 C  C4    . DC  B 1 6 ? -2.383  -4.701  -4.561  1.00 12.72  ? 13 DC  B C4    1 
ATOM   260 N  N4    . DC  B 1 6 ? -3.633  -4.273  -4.492  1.00 13.67  ? 13 DC  B N4    1 
ATOM   261 C  C5    . DC  B 1 6 ? -2.077  -6.091  -4.301  1.00 12.96  ? 13 DC  B C5    1 
ATOM   262 C  C6    . DC  B 1 6 ? -0.782  -6.454  -4.363  1.00 13.56  ? 13 DC  B C6    1 
ATOM   263 P  P     . DG  B 1 7 ? 6.051   -6.829  -3.999  1.00 24.97  ? 14 DG  B P     1 
ATOM   264 O  OP1   . DG  B 1 7 ? 6.169   -7.037  -2.520  1.00 25.71  ? 14 DG  B OP1   1 
ATOM   265 O  OP2   . DG  B 1 7 ? 7.061   -5.953  -4.625  1.00 26.99  ? 14 DG  B OP2   1 
ATOM   266 O  "O5'" . DG  B 1 7 ? 6.071   -8.284  -4.648  1.00 24.64  ? 14 DG  B "O5'" 1 
ATOM   267 C  "C5'" . DG  B 1 7 ? 6.215   -8.617  -6.048  1.00 22.75  ? 14 DG  B "C5'" 1 
ATOM   268 C  "C4'" . DG  B 1 7 ? 6.130   -10.144 -6.223  1.00 21.78  ? 14 DG  B "C4'" 1 
ATOM   269 O  "O4'" . DG  B 1 7 ? 4.797   -10.600 -5.895  1.00 17.51  ? 14 DG  B "O4'" 1 
ATOM   270 C  "C3'" . DG  B 1 7 ? 6.507   -10.635 -7.633  1.00 23.48  ? 14 DG  B "C3'" 1 
ATOM   271 O  "O3'" . DG  B 1 7 ? 7.270   -11.863 -7.578  1.00 21.02  ? 14 DG  B "O3'" 1 
ATOM   272 C  "C2'" . DG  B 1 7 ? 5.103   -10.868 -8.218  1.00 20.59  ? 14 DG  B "C2'" 1 
ATOM   273 C  "C1'" . DG  B 1 7 ? 4.273   -11.319 -7.019  1.00 17.77  ? 14 DG  B "C1'" 1 
ATOM   274 N  N9    . DG  B 1 7 ? 2.829   -11.100 -7.090  1.00 17.83  ? 14 DG  B N9    1 
ATOM   275 C  C8    . DG  B 1 7 ? 1.851   -11.968 -6.685  1.00 17.08  ? 14 DG  B C8    1 
ATOM   276 N  N7    . DG  B 1 7 ? 0.649   -11.455 -6.703  1.00 17.90  ? 14 DG  B N7    1 
ATOM   277 C  C5    . DG  B 1 7 ? 0.835   -10.138 -7.164  1.00 19.16  ? 14 DG  B C5    1 
ATOM   278 C  C6    . DG  B 1 7 ? -0.129  -9.080  -7.419  1.00 18.95  ? 14 DG  B C6    1 
ATOM   279 O  O6    . DG  B 1 7 ? -1.349  -9.081  -7.233  1.00 18.83  ? 14 DG  B O6    1 
ATOM   280 N  N1    . DG  B 1 7 ? 0.483   -7.931  -7.901  1.00 16.76  ? 14 DG  B N1    1 
ATOM   281 C  C2    . DG  B 1 7 ? 1.857   -7.800  -8.108  1.00 19.00  ? 14 DG  B C2    1 
ATOM   282 N  N2    . DG  B 1 7 ? 2.334   -6.611  -8.525  1.00 18.76  ? 14 DG  B N2    1 
ATOM   283 N  N3    . DG  B 1 7 ? 2.741   -8.786  -7.869  1.00 15.79  ? 14 DG  B N3    1 
ATOM   284 C  C4    . DG  B 1 7 ? 2.171   -9.916  -7.405  1.00 16.59  ? 14 DG  B C4    1 
HETATM 285 CO CO    . NCO C 2 . ? -1.728  7.981   -1.100  1.00 24.82  ? 15 NCO A CO    1 
HETATM 286 N  N1    . NCO C 2 . ? -1.909  10.005  -0.453  1.00 21.60  ? 15 NCO A N1    1 
HETATM 287 N  N2    . NCO C 2 . ? -1.620  5.918   -1.669  1.00 21.59  ? 15 NCO A N2    1 
HETATM 288 N  N3    . NCO C 2 . ? 0.272   8.283   -1.675  1.00 20.00  ? 15 NCO A N3    1 
HETATM 289 N  N4    . NCO C 2 . ? -3.731  7.687   -0.419  1.00 22.02  ? 15 NCO A N4    1 
HETATM 290 N  N5    . NCO C 2 . ? -1.068  7.490   0.859   1.00 20.94  ? 15 NCO A N5    1 
HETATM 291 N  N6    . NCO C 2 . ? -2.461  8.456   -3.062  1.00 21.34  ? 15 NCO A N6    1 
HETATM 292 CO CO    . NCO D 2 . ? 3.793   10.991  -4.808  1.00 38.27  ? 16 NCO A CO    1 
HETATM 293 N  N1    . NCO D 2 . ? 4.238   12.030  -2.979  1.00 35.01  ? 16 NCO A N1    1 
HETATM 294 N  N2    . NCO D 2 . ? 3.369   9.969   -6.645  1.00 36.34  ? 16 NCO A N2    1 
HETATM 295 N  N3    . NCO D 2 . ? 5.841   10.393  -4.957  1.00 35.70  ? 16 NCO A N3    1 
HETATM 296 N  N4    . NCO D 2 . ? 1.744   11.603  -4.642  1.00 37.06  ? 16 NCO A N4    1 
HETATM 297 N  N5    . NCO D 2 . ? 3.477   9.159   -3.759  1.00 35.09  ? 16 NCO A N5    1 
HETATM 298 N  N6    . NCO D 2 . ? 4.269   12.784  -5.897  1.00 35.17  ? 16 NCO A N6    1 
HETATM 299 O  O     . HOH E 3 . ? -3.274  6.069   1.779   1.00 27.49  ? 19 HOH A O     1 
HETATM 300 O  O     . HOH E 3 . ? 5.666   8.050   -2.895  1.00 23.94  ? 20 HOH A O     1 
HETATM 301 O  O     . HOH E 3 . ? 2.654   -0.227  -7.106  1.00 35.56  ? 21 HOH A O     1 
HETATM 302 O  O     . HOH E 3 . ? 3.219   -1.967  -3.620  1.00 22.04  ? 22 HOH A O     1 
HETATM 303 O  O     . HOH E 3 . ? 5.642   0.004   0.418   1.00 21.82  ? 23 HOH A O     1 
HETATM 304 O  O     . HOH E 3 . ? 2.703   -2.875  -7.639  1.00 33.42  ? 24 HOH A O     1 
HETATM 305 O  O     . HOH E 3 . ? -0.098  14.098  -4.852  1.00 18.81  ? 25 HOH A O     1 
HETATM 306 O  O     . HOH E 3 . ? 14.076  1.283   10.466  1.00 26.68  ? 29 HOH A O     1 
HETATM 307 O  O     . HOH E 3 . ? -0.088  9.470   -5.137  1.00 23.43  ? 30 HOH A O     1 
HETATM 308 O  O     . HOH E 3 . ? 6.750   6.883   4.960   1.00 23.64  ? 33 HOH A O     1 
HETATM 309 O  O     . HOH E 3 . ? -5.884  -6.743  -6.695  1.00 32.59  ? 34 HOH A O     1 
HETATM 310 O  O     . HOH E 3 . ? 0.706   8.421   2.300   1.00 66.51  ? 35 HOH A O     1 
HETATM 311 O  O     . HOH E 3 . ? -3.595  -10.882 -7.360  1.00 28.51  ? 40 HOH A O     1 
HETATM 312 O  O     . HOH E 3 . ? 5.348   -2.643  -1.911  1.00 108.05 ? 41 HOH A O     1 
HETATM 313 O  O     . HOH E 3 . ? 4.884   7.333   -5.745  1.00 31.40  ? 42 HOH A O     1 
HETATM 314 O  O     . HOH E 3 . ? -3.472  -4.411  -13.954 1.00 51.23  ? 44 HOH A O     1 
HETATM 315 O  O     . HOH E 3 . ? -5.345  2.835   -2.829  1.00 42.32  ? 49 HOH A O     1 
HETATM 316 O  O     . HOH E 3 . ? -6.555  -2.109  -6.168  1.00 55.91  ? 50 HOH A O     1 
HETATM 317 O  O     . HOH E 3 . ? 5.544   -1.224  -5.044  1.00 56.75  ? 51 HOH A O     1 
HETATM 318 O  O     . HOH E 3 . ? 8.360   -0.449  0.660   1.00 36.94  ? 52 HOH A O     1 
HETATM 319 O  O     . HOH E 3 . ? 7.636   10.088  2.635   1.00 46.08  ? 54 HOH A O     1 
HETATM 320 O  O     . HOH E 3 . ? 5.129   9.032   2.695   1.00 46.30  ? 55 HOH A O     1 
HETATM 321 O  O     . HOH E 3 . ? 2.721   8.675   3.982   1.00 35.82  ? 56 HOH A O     1 
HETATM 322 O  O     . HOH E 3 . ? -2.709  9.253   2.174   1.00 41.24  ? 60 HOH A O     1 
HETATM 323 O  O     . HOH E 3 . ? -11.809 -2.429  -11.041 1.00 80.76  ? 62 HOH A O     1 
HETATM 324 O  O     . HOH E 3 . ? -6.514  0.888   -14.988 1.00 44.94  ? 63 HOH A O     1 
HETATM 325 O  O     . HOH E 3 . ? 5.119   0.953   -6.947  1.00 62.82  ? 65 HOH A O     1 
HETATM 326 O  O     . HOH E 3 . ? 4.918   11.499  -8.310  1.00 85.28  ? 66 HOH A O     1 
HETATM 327 O  O     . HOH E 3 . ? -3.775  5.313   -2.763  1.00 59.57  ? 70 HOH A O     1 
HETATM 328 O  O     . HOH F 3 . ? -4.994  7.251   3.992   1.00 29.28  ? 17 HOH B O     1 
HETATM 329 O  O     . HOH F 3 . ? -2.692  9.554   11.539  1.00 34.79  ? 18 HOH B O     1 
HETATM 330 O  O     . HOH F 3 . ? -6.548  0.869   0.628   1.00 29.80  ? 26 HOH B O     1 
HETATM 331 O  O     . HOH F 3 . ? -0.109  -11.016 -2.558  1.00 36.87  ? 27 HOH B O     1 
HETATM 332 O  O     . HOH F 3 . ? 2.755   -1.494  3.963   1.00 37.64  ? 28 HOH B O     1 
HETATM 333 O  O     . HOH F 3 . ? -1.444  -12.846 -5.285  1.00 47.09  ? 31 HOH B O     1 
HETATM 334 O  O     . HOH F 3 . ? -2.166  -9.734  -4.562  1.00 28.83  ? 32 HOH B O     1 
HETATM 335 O  O     . HOH F 3 . ? -5.013  3.271   1.228   1.00 44.37  ? 36 HOH B O     1 
HETATM 336 O  O     . HOH F 3 . ? 7.934   -9.410  -2.901  1.00 31.46  ? 37 HOH B O     1 
HETATM 337 O  O     . HOH F 3 . ? 0.175   -1.947  6.820   1.00 26.80  ? 38 HOH B O     1 
HETATM 338 O  O     . HOH F 3 . ? 0.275   -7.950  8.792   1.00 28.73  ? 39 HOH B O     1 
HETATM 339 O  O     . HOH F 3 . ? 2.467   -0.370  7.487   1.00 38.52  ? 43 HOH B O     1 
HETATM 340 O  O     . HOH F 3 . ? -5.364  2.683   11.778  1.00 47.09  ? 45 HOH B O     1 
HETATM 341 O  O     . HOH F 3 . ? -6.055  -6.183  -3.945  1.00 41.78  ? 46 HOH B O     1 
HETATM 342 O  O     . HOH F 3 . ? -5.967  -1.741  0.610   1.00 15.95  ? 47 HOH B O     1 
HETATM 343 O  O     . HOH F 3 . ? -6.839  5.463   2.139   1.00 34.87  ? 48 HOH B O     1 
HETATM 344 O  O     . HOH F 3 . ? 3.055   -2.156  0.208   1.00 30.43  ? 53 HOH B O     1 
HETATM 345 O  O     . HOH F 3 . ? 2.016   9.395   6.845   1.00 71.93  ? 57 HOH B O     1 
HETATM 346 O  O     . HOH F 3 . ? -0.417  8.812   8.162   1.00 49.04  ? 58 HOH B O     1 
HETATM 347 O  O     . HOH F 3 . ? -1.343  7.777   4.517   1.00 45.30  ? 59 HOH B O     1 
HETATM 348 O  O     . HOH F 3 . ? -1.865  -6.344  9.010   1.00 34.56  ? 61 HOH B O     1 
HETATM 349 O  O     . HOH F 3 . ? 1.995   -0.059  10.841  1.00 64.19  ? 64 HOH B O     1 
HETATM 350 O  O     . HOH F 3 . ? -5.899  -8.538  1.704   1.00 40.96  ? 67 HOH B O     1 
HETATM 351 O  O     . HOH F 3 . ? -3.916  -7.873  3.393   1.00 48.68  ? 68 HOH B O     1 
HETATM 352 O  O     . HOH F 3 . ? -3.535  -4.264  10.952  1.00 50.55  ? 69 HOH B O     1 
HETATM 353 O  O     . HOH F 3 . ? -10.947 -0.732  13.048  1.00 15.00  ? 71 HOH B O     1 
HETATM 354 O  O     . HOH F 3 . ? -13.678 -1.034  14.111  1.00 15.00  ? 72 HOH B O     1 
HETATM 355 O  O     . HOH F 3 . ? -13.886 1.075   12.198  1.00 15.00  ? 73 HOH B O     1 
# 
